data_2JX5
#
_entry.id   2JX5
#
_entity_poly.entity_id   1
_entity_poly.type   'polypeptide(L)'
_entity_poly.pdbx_seq_one_letter_code
;MLVIVRLQDQTLPFELPAGARASQLSNLLSSSGMAFSLHTQGRVLSEAAELNDKMVIDAFVPADGAGLE
;
_entity_poly.pdbx_strand_id   A
#
# COMPACT_ATOMS: atom_id res chain seq x y z
N MET A 1 10.01 -9.14 -4.79
CA MET A 1 8.73 -8.99 -5.46
C MET A 1 8.44 -7.51 -5.74
N LEU A 2 7.69 -7.25 -6.81
CA LEU A 2 7.35 -5.90 -7.19
C LEU A 2 5.97 -5.51 -6.64
N VAL A 3 5.81 -4.23 -6.32
CA VAL A 3 4.55 -3.74 -5.78
C VAL A 3 4.23 -2.35 -6.32
N ILE A 4 3.11 -2.23 -7.01
CA ILE A 4 2.70 -0.95 -7.59
C ILE A 4 1.80 -0.18 -6.62
N VAL A 5 2.40 0.71 -5.85
CA VAL A 5 1.66 1.52 -4.89
C VAL A 5 1.01 2.72 -5.56
N ARG A 6 -0.31 2.81 -5.46
CA ARG A 6 -1.06 3.91 -6.06
C ARG A 6 -1.39 4.97 -5.01
N LEU A 7 -0.90 6.19 -5.22
CA LEU A 7 -1.15 7.28 -4.30
C LEU A 7 -2.52 7.90 -4.55
N GLN A 8 -2.98 8.71 -3.61
CA GLN A 8 -4.28 9.38 -3.72
C GLN A 8 -4.65 9.56 -5.20
N ASP A 9 -3.84 10.33 -5.92
CA ASP A 9 -4.08 10.58 -7.33
C ASP A 9 -2.79 10.46 -8.14
N GLN A 10 -2.00 9.44 -7.83
CA GLN A 10 -0.74 9.21 -8.53
C GLN A 10 -0.35 7.74 -8.48
N THR A 11 0.68 7.39 -9.24
CA THR A 11 1.16 6.00 -9.28
C THR A 11 2.68 5.95 -9.16
N LEU A 12 3.16 5.00 -8.36
CA LEU A 12 4.60 4.84 -8.16
C LEU A 12 4.92 3.41 -7.72
N PRO A 13 5.78 2.73 -8.51
CA PRO A 13 6.19 1.35 -8.22
C PRO A 13 7.10 1.26 -7.01
N PHE A 14 7.25 0.05 -6.47
CA PHE A 14 8.09 -0.17 -5.30
C PHE A 14 8.77 -1.53 -5.37
N GLU A 15 10.04 -1.58 -5.02
CA GLU A 15 10.80 -2.81 -5.03
C GLU A 15 10.81 -3.47 -3.66
N LEU A 16 10.30 -4.70 -3.58
CA LEU A 16 10.24 -5.43 -2.32
C LEU A 16 11.07 -6.71 -2.40
N PRO A 17 11.43 -7.26 -1.23
CA PRO A 17 12.22 -8.49 -1.14
C PRO A 17 11.44 -9.71 -1.59
N ALA A 18 12.11 -10.86 -1.63
CA ALA A 18 11.48 -12.11 -2.04
C ALA A 18 10.40 -12.52 -1.06
N GLY A 19 9.29 -13.03 -1.59
CA GLY A 19 8.19 -13.45 -0.74
C GLY A 19 7.76 -12.38 0.24
N ALA A 20 8.03 -11.12 -0.11
CA ALA A 20 7.66 -10.00 0.74
C ALA A 20 6.19 -10.06 1.12
N ARG A 21 5.78 -9.17 2.02
CA ARG A 21 4.40 -9.12 2.47
C ARG A 21 3.99 -7.70 2.82
N ALA A 22 2.71 -7.51 3.14
CA ALA A 22 2.19 -6.19 3.51
C ALA A 22 3.04 -5.56 4.60
N SER A 23 3.65 -6.39 5.42
CA SER A 23 4.49 -5.91 6.52
C SER A 23 5.67 -5.11 5.99
N GLN A 24 6.54 -5.77 5.23
CA GLN A 24 7.71 -5.12 4.66
C GLN A 24 7.31 -3.87 3.89
N LEU A 25 6.32 -4.00 3.02
CA LEU A 25 5.85 -2.87 2.22
C LEU A 25 5.47 -1.69 3.12
N SER A 26 4.59 -1.94 4.07
CA SER A 26 4.14 -0.90 4.99
C SER A 26 5.34 -0.18 5.62
N ASN A 27 6.41 -0.93 5.86
CA ASN A 27 7.61 -0.37 6.46
C ASN A 27 8.29 0.62 5.51
N LEU A 28 8.51 0.19 4.27
CA LEU A 28 9.14 1.04 3.27
C LEU A 28 8.41 2.38 3.15
N LEU A 29 7.10 2.31 2.98
CA LEU A 29 6.28 3.51 2.85
C LEU A 29 6.25 4.29 4.16
N SER A 30 6.28 3.57 5.28
CA SER A 30 6.26 4.20 6.59
C SER A 30 7.53 5.00 6.83
N SER A 31 8.65 4.51 6.29
CA SER A 31 9.93 5.18 6.44
C SER A 31 9.84 6.64 6.02
N SER A 32 9.01 6.91 5.02
CA SER A 32 8.84 8.26 4.51
C SER A 32 8.11 9.13 5.54
N GLY A 33 7.93 10.41 5.20
CA GLY A 33 7.25 11.33 6.10
C GLY A 33 5.75 11.07 6.16
N MET A 34 5.16 10.72 5.02
CA MET A 34 3.73 10.45 4.96
C MET A 34 3.42 9.04 5.45
N ALA A 35 2.19 8.84 5.92
CA ALA A 35 1.77 7.54 6.41
C ALA A 35 0.26 7.37 6.29
N PHE A 36 -0.17 6.66 5.25
CA PHE A 36 -1.59 6.43 5.01
C PHE A 36 -1.89 4.93 4.93
N SER A 37 -3.18 4.60 4.79
CA SER A 37 -3.60 3.20 4.71
C SER A 37 -3.24 2.62 3.34
N LEU A 38 -2.94 1.32 3.33
CA LEU A 38 -2.59 0.64 2.08
C LEU A 38 -3.39 -0.65 1.93
N HIS A 39 -4.46 -0.58 1.14
CA HIS A 39 -5.31 -1.74 0.89
C HIS A 39 -5.38 -2.07 -0.60
N THR A 40 -5.56 -3.35 -0.90
CA THR A 40 -5.64 -3.79 -2.29
C THR A 40 -6.90 -4.61 -2.53
N GLN A 41 -7.34 -4.67 -3.79
CA GLN A 41 -8.53 -5.41 -4.15
C GLN A 41 -9.73 -4.95 -3.33
N GLY A 42 -9.70 -3.70 -2.89
CA GLY A 42 -10.78 -3.15 -2.10
C GLY A 42 -10.83 -3.72 -0.71
N ARG A 43 -9.74 -4.37 -0.29
CA ARG A 43 -9.67 -4.96 1.03
C ARG A 43 -8.33 -4.65 1.70
N VAL A 44 -8.36 -4.47 3.02
CA VAL A 44 -7.15 -4.16 3.77
C VAL A 44 -6.15 -5.32 3.71
N LEU A 45 -4.86 -4.98 3.79
CA LEU A 45 -3.82 -6.00 3.75
C LEU A 45 -3.36 -6.37 5.16
N SER A 46 -3.21 -7.67 5.40
CA SER A 46 -2.78 -8.15 6.71
C SER A 46 -1.27 -8.04 6.85
N GLU A 47 -0.81 -7.92 8.09
CA GLU A 47 0.62 -7.80 8.37
C GLU A 47 1.38 -9.00 7.80
N ALA A 48 0.69 -10.12 7.65
CA ALA A 48 1.30 -11.33 7.12
C ALA A 48 0.82 -11.60 5.69
N ALA A 49 0.06 -10.67 5.14
CA ALA A 49 -0.47 -10.80 3.78
C ALA A 49 0.66 -10.83 2.76
N GLU A 50 0.70 -11.88 1.94
CA GLU A 50 1.73 -12.02 0.92
C GLU A 50 1.11 -12.33 -0.43
N LEU A 51 0.97 -11.31 -1.26
CA LEU A 51 0.40 -11.49 -2.59
C LEU A 51 1.39 -12.17 -3.54
N ASN A 52 2.19 -11.36 -4.23
CA ASN A 52 3.18 -11.89 -5.15
C ASN A 52 3.93 -10.76 -5.85
N ASP A 53 4.68 -11.11 -6.89
CA ASP A 53 5.45 -10.12 -7.64
C ASP A 53 4.56 -9.37 -8.62
N LYS A 54 4.92 -8.13 -8.92
CA LYS A 54 4.15 -7.30 -9.84
C LYS A 54 2.72 -7.14 -9.36
N MET A 55 2.56 -6.84 -8.07
CA MET A 55 1.23 -6.65 -7.50
C MET A 55 0.83 -5.18 -7.50
N VAL A 56 -0.32 -4.88 -6.93
CA VAL A 56 -0.82 -3.50 -6.87
C VAL A 56 -1.47 -3.21 -5.53
N ILE A 57 -1.02 -2.15 -4.87
CA ILE A 57 -1.56 -1.76 -3.58
C ILE A 57 -2.15 -0.36 -3.63
N ASP A 58 -3.41 -0.24 -3.23
CA ASP A 58 -4.09 1.05 -3.23
C ASP A 58 -3.85 1.79 -1.91
N ALA A 59 -3.16 2.92 -1.99
CA ALA A 59 -2.86 3.72 -0.81
C ALA A 59 -3.92 4.81 -0.60
N PHE A 60 -4.68 4.69 0.47
CA PHE A 60 -5.72 5.65 0.79
C PHE A 60 -5.32 6.52 1.97
N VAL A 61 -5.33 7.84 1.76
CA VAL A 61 -4.96 8.78 2.81
C VAL A 61 -6.20 9.30 3.53
N PRO A 62 -6.02 9.68 4.81
CA PRO A 62 -7.11 10.20 5.64
C PRO A 62 -7.57 11.58 5.19
N ALA A 63 -8.89 11.80 5.21
CA ALA A 63 -9.45 13.08 4.81
C ALA A 63 -10.43 13.60 5.86
N ASP A 64 -10.91 14.82 5.66
CA ASP A 64 -11.86 15.43 6.59
C ASP A 64 -13.24 14.82 6.43
N GLY A 65 -13.83 14.38 7.54
CA GLY A 65 -15.15 13.78 7.50
C GLY A 65 -15.15 12.43 6.80
N ALA A 66 -13.99 11.79 6.78
CA ALA A 66 -13.87 10.48 6.14
C ALA A 66 -14.07 10.58 4.63
N GLY A 67 -15.32 10.62 4.20
CA GLY A 67 -15.64 10.72 2.80
C GLY A 67 -16.98 10.12 2.45
N LEU A 68 -17.94 10.98 2.12
CA LEU A 68 -19.28 10.53 1.78
C LEU A 68 -19.27 9.70 0.49
N GLU A 69 -19.01 10.36 -0.63
CA GLU A 69 -18.96 9.68 -1.91
C GLU A 69 -18.02 8.47 -1.86
N MET A 1 11.71 -7.95 -3.42
CA MET A 1 10.57 -8.10 -4.30
C MET A 1 10.13 -6.75 -4.86
N LEU A 2 9.21 -6.78 -5.82
CA LEU A 2 8.71 -5.55 -6.43
C LEU A 2 7.21 -5.38 -6.16
N VAL A 3 6.81 -4.14 -5.85
CA VAL A 3 5.42 -3.85 -5.58
C VAL A 3 4.99 -2.55 -6.26
N ILE A 4 3.94 -2.64 -7.08
CA ILE A 4 3.43 -1.48 -7.79
C ILE A 4 2.29 -0.82 -7.03
N VAL A 5 2.62 0.19 -6.24
CA VAL A 5 1.62 0.90 -5.46
C VAL A 5 0.92 1.96 -6.29
N ARG A 6 -0.41 1.95 -6.27
CA ARG A 6 -1.19 2.92 -7.03
C ARG A 6 -1.86 3.93 -6.10
N LEU A 7 -1.31 5.14 -6.06
CA LEU A 7 -1.84 6.20 -5.21
C LEU A 7 -3.03 6.88 -5.87
N GLN A 8 -3.79 7.64 -5.08
CA GLN A 8 -4.96 8.34 -5.60
C GLN A 8 -4.80 8.64 -7.09
N ASP A 9 -3.79 9.42 -7.43
CA ASP A 9 -3.53 9.78 -8.82
C ASP A 9 -2.04 9.69 -9.15
N GLN A 10 -1.37 8.70 -8.55
CA GLN A 10 0.05 8.51 -8.78
C GLN A 10 0.45 7.05 -8.57
N THR A 11 0.78 6.37 -9.66
CA THR A 11 1.16 4.96 -9.59
C THR A 11 2.63 4.79 -9.96
N LEU A 12 3.37 4.09 -9.10
CA LEU A 12 4.79 3.85 -9.33
C LEU A 12 5.26 2.60 -8.59
N PRO A 13 6.38 2.02 -9.05
CA PRO A 13 6.95 0.82 -8.44
C PRO A 13 7.55 1.09 -7.07
N PHE A 14 7.76 0.03 -6.29
CA PHE A 14 8.33 0.16 -4.96
C PHE A 14 9.25 -1.02 -4.65
N GLU A 15 10.45 -0.70 -4.19
CA GLU A 15 11.43 -1.73 -3.85
C GLU A 15 11.17 -2.30 -2.46
N LEU A 16 10.87 -3.59 -2.41
CA LEU A 16 10.59 -4.27 -1.14
C LEU A 16 11.61 -5.37 -0.88
N PRO A 17 11.72 -5.79 0.40
CA PRO A 17 12.64 -6.84 0.81
C PRO A 17 12.24 -8.21 0.29
N ALA A 18 13.08 -9.21 0.53
CA ALA A 18 12.81 -10.57 0.10
C ALA A 18 11.55 -11.12 0.75
N GLY A 19 10.69 -11.76 -0.04
CA GLY A 19 9.46 -12.32 0.50
C GLY A 19 8.68 -11.32 1.32
N ALA A 20 8.84 -10.03 1.01
CA ALA A 20 8.15 -8.98 1.72
C ALA A 20 6.66 -9.29 1.85
N ARG A 21 6.05 -8.80 2.93
CA ARG A 21 4.63 -9.04 3.17
C ARG A 21 3.88 -7.71 3.33
N ALA A 22 2.58 -7.80 3.55
CA ALA A 22 1.75 -6.61 3.73
C ALA A 22 2.35 -5.67 4.76
N SER A 23 2.67 -6.21 5.94
CA SER A 23 3.25 -5.41 7.00
C SER A 23 4.43 -4.58 6.50
N GLN A 24 5.40 -5.26 5.89
CA GLN A 24 6.58 -4.58 5.35
C GLN A 24 6.17 -3.41 4.46
N LEU A 25 5.41 -3.70 3.42
CA LEU A 25 4.95 -2.68 2.48
C LEU A 25 4.29 -1.52 3.23
N SER A 26 3.32 -1.85 4.07
CA SER A 26 2.61 -0.85 4.85
C SER A 26 3.58 0.08 5.57
N ASN A 27 4.72 -0.47 5.98
CA ASN A 27 5.74 0.31 6.68
C ASN A 27 6.43 1.28 5.72
N LEU A 28 6.89 0.76 4.60
CA LEU A 28 7.57 1.59 3.60
C LEU A 28 6.74 2.81 3.25
N LEU A 29 5.47 2.58 2.90
CA LEU A 29 4.56 3.66 2.54
C LEU A 29 4.27 4.55 3.74
N SER A 30 4.00 3.94 4.88
CA SER A 30 3.71 4.67 6.11
C SER A 30 4.82 5.68 6.42
N SER A 31 6.07 5.21 6.39
CA SER A 31 7.21 6.07 6.66
C SER A 31 7.41 7.09 5.54
N SER A 32 7.00 6.73 4.33
CA SER A 32 7.13 7.60 3.18
C SER A 32 6.47 8.95 3.45
N GLY A 33 5.47 8.96 4.32
CA GLY A 33 4.78 10.19 4.65
C GLY A 33 3.34 9.96 5.04
N MET A 34 2.42 10.37 4.17
CA MET A 34 1.00 10.21 4.42
C MET A 34 0.61 8.74 4.36
N ALA A 35 0.00 8.24 5.43
CA ALA A 35 -0.44 6.85 5.51
C ALA A 35 -1.88 6.70 5.05
N PHE A 36 -2.10 5.90 4.02
CA PHE A 36 -3.44 5.66 3.49
C PHE A 36 -3.78 4.18 3.51
N SER A 37 -5.01 3.86 3.11
CA SER A 37 -5.46 2.47 3.09
C SER A 37 -4.88 1.73 1.89
N LEU A 38 -4.31 0.56 2.15
CA LEU A 38 -3.72 -0.25 1.09
C LEU A 38 -4.58 -1.47 0.79
N HIS A 39 -5.18 -1.49 -0.40
CA HIS A 39 -6.03 -2.60 -0.81
C HIS A 39 -5.74 -3.02 -2.24
N THR A 40 -5.92 -4.29 -2.53
CA THR A 40 -5.67 -4.82 -3.87
C THR A 40 -6.93 -5.41 -4.48
N GLN A 41 -7.19 -5.08 -5.74
CA GLN A 41 -8.37 -5.58 -6.43
C GLN A 41 -9.63 -5.34 -5.61
N GLY A 42 -9.63 -4.27 -4.82
CA GLY A 42 -10.77 -3.95 -3.99
C GLY A 42 -10.82 -4.78 -2.72
N ARG A 43 -9.65 -5.19 -2.24
CA ARG A 43 -9.58 -6.00 -1.03
C ARG A 43 -8.46 -5.48 -0.12
N VAL A 44 -8.84 -5.02 1.06
CA VAL A 44 -7.89 -4.50 2.03
C VAL A 44 -6.76 -5.51 2.29
N LEU A 45 -5.55 -5.00 2.47
CA LEU A 45 -4.40 -5.86 2.73
C LEU A 45 -4.22 -6.10 4.23
N SER A 46 -4.35 -7.35 4.64
CA SER A 46 -4.21 -7.71 6.05
C SER A 46 -2.79 -7.41 6.54
N GLU A 47 -2.48 -7.84 7.76
CA GLU A 47 -1.17 -7.62 8.35
C GLU A 47 -0.21 -8.75 7.98
N ALA A 48 -0.77 -9.89 7.57
CA ALA A 48 0.04 -11.04 7.19
C ALA A 48 -0.10 -11.34 5.71
N ALA A 49 -0.72 -10.41 4.97
CA ALA A 49 -0.91 -10.58 3.54
C ALA A 49 0.40 -10.94 2.84
N GLU A 50 0.41 -12.08 2.16
CA GLU A 50 1.60 -12.53 1.44
C GLU A 50 1.68 -11.89 0.06
N LEU A 51 2.70 -11.06 -0.14
CA LEU A 51 2.90 -10.39 -1.43
C LEU A 51 3.72 -11.26 -2.37
N ASN A 52 4.29 -10.62 -3.39
CA ASN A 52 5.12 -11.33 -4.37
C ASN A 52 5.93 -10.35 -5.22
N ASP A 53 6.50 -10.86 -6.30
CA ASP A 53 7.29 -10.02 -7.20
C ASP A 53 6.40 -9.38 -8.26
N LYS A 54 6.76 -8.16 -8.65
CA LYS A 54 6.00 -7.43 -9.66
C LYS A 54 4.52 -7.40 -9.31
N MET A 55 4.22 -7.12 -8.05
CA MET A 55 2.84 -7.06 -7.59
C MET A 55 2.22 -5.70 -7.90
N VAL A 56 0.92 -5.57 -7.64
CA VAL A 56 0.20 -4.33 -7.89
C VAL A 56 -0.81 -4.03 -6.79
N ILE A 57 -0.45 -3.14 -5.89
CA ILE A 57 -1.33 -2.77 -4.78
C ILE A 57 -2.00 -1.42 -5.04
N ASP A 58 -3.27 -1.31 -4.63
CA ASP A 58 -4.02 -0.08 -4.82
C ASP A 58 -4.10 0.71 -3.51
N ALA A 59 -3.35 1.81 -3.44
CA ALA A 59 -3.34 2.65 -2.25
C ALA A 59 -4.40 3.76 -2.34
N PHE A 60 -5.43 3.65 -1.52
CA PHE A 60 -6.50 4.63 -1.51
C PHE A 60 -6.36 5.59 -0.33
N VAL A 61 -6.28 6.88 -0.62
CA VAL A 61 -6.15 7.90 0.42
C VAL A 61 -7.49 8.50 0.77
N PRO A 62 -7.61 8.98 2.02
CA PRO A 62 -8.85 9.59 2.52
C PRO A 62 -9.12 10.95 1.88
N ALA A 63 -10.39 11.20 1.54
CA ALA A 63 -10.79 12.46 0.92
C ALA A 63 -10.74 13.60 1.93
N ASP A 64 -10.93 14.82 1.44
CA ASP A 64 -10.91 16.00 2.29
C ASP A 64 -12.16 16.06 3.17
N GLY A 65 -11.97 16.31 4.46
CA GLY A 65 -13.09 16.39 5.37
C GLY A 65 -13.13 15.22 6.34
N ALA A 66 -14.28 15.00 6.96
CA ALA A 66 -14.44 13.91 7.91
C ALA A 66 -13.35 13.95 8.98
N GLY A 67 -12.84 15.14 9.25
CA GLY A 67 -11.80 15.30 10.25
C GLY A 67 -12.28 16.08 11.46
N LEU A 68 -13.40 15.68 12.02
CA LEU A 68 -13.97 16.35 13.18
C LEU A 68 -13.04 16.21 14.39
N GLU A 69 -12.95 14.99 14.92
CA GLU A 69 -12.10 14.72 16.07
C GLU A 69 -10.74 14.17 15.63
N MET A 1 11.12 -7.64 -2.91
CA MET A 1 10.04 -7.73 -3.89
C MET A 1 9.54 -6.33 -4.26
N LEU A 2 9.04 -6.19 -5.49
CA LEU A 2 8.52 -4.92 -5.97
C LEU A 2 7.01 -4.86 -5.83
N VAL A 3 6.50 -3.67 -5.51
CA VAL A 3 5.06 -3.48 -5.35
C VAL A 3 4.63 -2.13 -5.89
N ILE A 4 3.86 -2.15 -6.99
CA ILE A 4 3.38 -0.93 -7.61
C ILE A 4 2.18 -0.37 -6.86
N VAL A 5 2.43 0.57 -5.95
CA VAL A 5 1.36 1.19 -5.17
C VAL A 5 0.75 2.37 -5.91
N ARG A 6 -0.51 2.23 -6.31
CA ARG A 6 -1.21 3.29 -7.02
C ARG A 6 -2.06 4.13 -6.06
N LEU A 7 -1.83 5.43 -6.06
CA LEU A 7 -2.57 6.34 -5.20
C LEU A 7 -3.93 6.68 -5.79
N GLN A 8 -4.80 7.28 -4.99
CA GLN A 8 -6.12 7.66 -5.44
C GLN A 8 -6.12 7.96 -6.94
N ASP A 9 -5.26 8.89 -7.34
CA ASP A 9 -5.15 9.27 -8.75
C ASP A 9 -3.69 9.46 -9.16
N GLN A 10 -2.84 8.54 -8.72
CA GLN A 10 -1.42 8.60 -9.03
C GLN A 10 -0.80 7.20 -9.00
N THR A 11 0.45 7.11 -9.44
CA THR A 11 1.16 5.83 -9.46
C THR A 11 2.58 5.99 -8.92
N LEU A 12 2.96 5.09 -8.02
CA LEU A 12 4.29 5.13 -7.42
C LEU A 12 4.71 3.74 -6.93
N PRO A 13 5.83 3.22 -7.46
CA PRO A 13 6.35 1.91 -7.09
C PRO A 13 6.90 1.89 -5.67
N PHE A 14 7.01 0.69 -5.10
CA PHE A 14 7.53 0.54 -3.74
C PHE A 14 8.55 -0.60 -3.68
N GLU A 15 9.70 -0.31 -3.09
CA GLU A 15 10.76 -1.30 -2.96
C GLU A 15 10.65 -2.03 -1.62
N LEU A 16 10.43 -3.34 -1.68
CA LEU A 16 10.31 -4.16 -0.48
C LEU A 16 11.40 -5.23 -0.44
N PRO A 17 11.63 -5.79 0.75
CA PRO A 17 12.63 -6.84 0.96
C PRO A 17 12.24 -8.15 0.29
N ALA A 18 13.14 -9.13 0.35
CA ALA A 18 12.88 -10.44 -0.23
C ALA A 18 11.72 -11.14 0.45
N GLY A 19 10.84 -11.74 -0.35
CA GLY A 19 9.69 -12.44 0.21
C GLY A 19 8.92 -11.58 1.19
N ALA A 20 8.97 -10.27 0.99
CA ALA A 20 8.27 -9.34 1.87
C ALA A 20 6.81 -9.76 2.06
N ARG A 21 6.14 -9.15 3.03
CA ARG A 21 4.74 -9.45 3.32
C ARG A 21 3.93 -8.17 3.49
N ALA A 22 2.62 -8.33 3.63
CA ALA A 22 1.73 -7.19 3.81
C ALA A 22 2.22 -6.28 4.92
N SER A 23 2.53 -6.87 6.07
CA SER A 23 3.01 -6.10 7.22
C SER A 23 4.14 -5.16 6.81
N GLN A 24 5.14 -5.71 6.13
CA GLN A 24 6.28 -4.92 5.67
C GLN A 24 5.82 -3.70 4.87
N LEU A 25 5.10 -3.96 3.78
CA LEU A 25 4.60 -2.89 2.94
C LEU A 25 3.81 -1.87 3.75
N SER A 26 2.85 -2.35 4.52
CA SER A 26 2.02 -1.49 5.35
C SER A 26 2.88 -0.55 6.19
N ASN A 27 4.04 -1.04 6.61
CA ASN A 27 4.96 -0.26 7.43
C ASN A 27 5.60 0.85 6.60
N LEU A 28 6.16 0.48 5.44
CA LEU A 28 6.81 1.44 4.56
C LEU A 28 5.88 2.62 4.28
N LEU A 29 4.65 2.33 3.87
CA LEU A 29 3.68 3.37 3.57
C LEU A 29 3.25 4.11 4.84
N SER A 30 3.05 3.35 5.91
CA SER A 30 2.65 3.93 7.19
C SER A 30 3.64 5.01 7.63
N SER A 31 4.93 4.74 7.44
CA SER A 31 5.97 5.68 7.83
C SER A 31 5.77 7.02 7.14
N SER A 32 5.14 7.00 5.97
CA SER A 32 4.89 8.22 5.21
C SER A 32 4.09 9.22 6.02
N GLY A 33 3.86 10.39 5.46
CA GLY A 33 3.10 11.42 6.16
C GLY A 33 1.62 11.36 5.86
N MET A 34 1.17 10.22 5.36
CA MET A 34 -0.24 10.03 5.03
C MET A 34 -0.78 8.73 5.64
N ALA A 35 -2.08 8.50 5.49
CA ALA A 35 -2.70 7.30 6.01
C ALA A 35 -4.03 7.02 5.32
N PHE A 36 -3.96 6.38 4.16
CA PHE A 36 -5.16 6.05 3.40
C PHE A 36 -5.34 4.54 3.28
N SER A 37 -6.44 4.12 2.66
CA SER A 37 -6.74 2.71 2.48
C SER A 37 -5.81 2.09 1.45
N LEU A 38 -5.26 0.92 1.77
CA LEU A 38 -4.35 0.22 0.87
C LEU A 38 -4.75 -1.24 0.72
N HIS A 39 -5.40 -1.56 -0.40
CA HIS A 39 -5.85 -2.92 -0.66
C HIS A 39 -5.55 -3.31 -2.11
N THR A 40 -5.54 -4.62 -2.38
CA THR A 40 -5.26 -5.12 -3.72
C THR A 40 -6.47 -5.86 -4.28
N GLN A 41 -6.79 -5.61 -5.54
CA GLN A 41 -7.92 -6.26 -6.20
C GLN A 41 -9.20 -6.00 -5.42
N GLY A 42 -9.20 -4.96 -4.61
CA GLY A 42 -10.38 -4.62 -3.82
C GLY A 42 -10.35 -5.24 -2.44
N ARG A 43 -9.57 -6.31 -2.28
CA ARG A 43 -9.46 -6.99 -1.00
C ARG A 43 -8.28 -6.45 -0.20
N VAL A 44 -8.50 -6.23 1.09
CA VAL A 44 -7.46 -5.71 1.97
C VAL A 44 -6.34 -6.74 2.16
N LEU A 45 -5.16 -6.25 2.52
CA LEU A 45 -4.01 -7.12 2.74
C LEU A 45 -3.90 -7.53 4.20
N SER A 46 -4.07 -8.82 4.45
CA SER A 46 -3.99 -9.35 5.82
C SER A 46 -2.60 -9.13 6.41
N GLU A 47 -2.36 -9.73 7.56
CA GLU A 47 -1.06 -9.60 8.23
C GLU A 47 -0.08 -10.66 7.73
N ALA A 48 -0.61 -11.73 7.17
CA ALA A 48 0.21 -12.81 6.65
C ALA A 48 0.10 -12.91 5.13
N ALA A 49 -0.39 -11.84 4.51
CA ALA A 49 -0.55 -11.81 3.07
C ALA A 49 0.81 -11.95 2.36
N GLU A 50 0.91 -12.94 1.49
CA GLU A 50 2.15 -13.18 0.74
C GLU A 50 2.13 -12.47 -0.60
N LEU A 51 3.13 -11.64 -0.84
CA LEU A 51 3.23 -10.90 -2.09
C LEU A 51 4.28 -11.50 -3.00
N ASN A 52 4.58 -10.81 -4.10
CA ASN A 52 5.57 -11.28 -5.05
C ASN A 52 6.25 -10.10 -5.75
N ASP A 53 6.95 -10.39 -6.84
CA ASP A 53 7.65 -9.36 -7.60
C ASP A 53 6.71 -8.71 -8.62
N LYS A 54 6.93 -7.43 -8.88
CA LYS A 54 6.11 -6.68 -9.83
C LYS A 54 4.64 -6.72 -9.43
N MET A 55 4.38 -6.46 -8.15
CA MET A 55 3.01 -6.46 -7.63
C MET A 55 2.30 -5.16 -7.98
N VAL A 56 1.00 -5.11 -7.71
CA VAL A 56 0.21 -3.92 -8.00
C VAL A 56 -0.83 -3.67 -6.90
N ILE A 57 -0.48 -2.80 -5.97
CA ILE A 57 -1.37 -2.47 -4.86
C ILE A 57 -2.29 -1.32 -5.23
N ASP A 58 -3.52 -1.36 -4.72
CA ASP A 58 -4.50 -0.32 -4.99
C ASP A 58 -4.73 0.56 -3.75
N ALA A 59 -4.14 1.74 -3.77
CA ALA A 59 -4.27 2.67 -2.66
C ALA A 59 -5.37 3.71 -2.92
N PHE A 60 -6.28 3.86 -1.98
CA PHE A 60 -7.38 4.80 -2.11
C PHE A 60 -7.45 5.73 -0.90
N VAL A 61 -7.43 7.04 -1.16
CA VAL A 61 -7.49 8.03 -0.09
C VAL A 61 -8.90 8.58 0.06
N PRO A 62 -9.23 9.02 1.28
CA PRO A 62 -10.56 9.59 1.58
C PRO A 62 -10.76 10.95 0.92
N ALA A 63 -11.97 11.18 0.41
CA ALA A 63 -12.30 12.44 -0.23
C ALA A 63 -12.44 13.57 0.78
N ASP A 64 -12.80 14.75 0.31
CA ASP A 64 -12.97 15.91 1.17
C ASP A 64 -13.88 15.58 2.34
N GLY A 65 -13.30 15.47 3.54
CA GLY A 65 -14.08 15.15 4.71
C GLY A 65 -13.39 15.57 6.00
N ALA A 66 -12.96 14.58 6.78
CA ALA A 66 -12.28 14.86 8.04
C ALA A 66 -11.11 13.90 8.26
N GLY A 67 -9.91 14.45 8.37
CA GLY A 67 -8.74 13.62 8.58
C GLY A 67 -7.85 14.15 9.69
N LEU A 68 -6.57 14.32 9.38
CA LEU A 68 -5.61 14.81 10.36
C LEU A 68 -5.97 16.22 10.82
N GLU A 69 -5.85 17.18 9.91
CA GLU A 69 -6.16 18.57 10.21
C GLU A 69 -7.56 18.69 10.81
N MET A 1 11.95 -8.15 -5.16
CA MET A 1 10.57 -8.07 -5.59
C MET A 1 10.03 -6.65 -5.48
N LEU A 2 9.44 -6.16 -6.57
CA LEU A 2 8.90 -4.81 -6.59
C LEU A 2 7.41 -4.82 -6.28
N VAL A 3 6.86 -3.66 -5.94
CA VAL A 3 5.44 -3.53 -5.61
C VAL A 3 4.87 -2.21 -6.13
N ILE A 4 3.97 -2.31 -7.09
CA ILE A 4 3.36 -1.11 -7.67
C ILE A 4 2.25 -0.57 -6.76
N VAL A 5 2.57 0.45 -5.98
CA VAL A 5 1.61 1.05 -5.07
C VAL A 5 0.88 2.21 -5.75
N ARG A 6 -0.43 2.07 -5.88
CA ARG A 6 -1.25 3.11 -6.50
C ARG A 6 -1.89 4.01 -5.44
N LEU A 7 -1.55 5.30 -5.50
CA LEU A 7 -2.08 6.27 -4.54
C LEU A 7 -3.48 6.71 -4.95
N GLN A 8 -4.18 7.37 -4.03
CA GLN A 8 -5.53 7.86 -4.30
C GLN A 8 -5.72 8.15 -5.78
N ASP A 9 -4.86 9.01 -6.32
CA ASP A 9 -4.93 9.38 -7.73
C ASP A 9 -3.53 9.51 -8.33
N GLN A 10 -2.67 8.57 -7.99
CA GLN A 10 -1.29 8.58 -8.49
C GLN A 10 -0.71 7.16 -8.51
N THR A 11 0.46 7.02 -9.12
CA THR A 11 1.12 5.72 -9.22
C THR A 11 2.60 5.84 -8.88
N LEU A 12 3.08 4.94 -8.03
CA LEU A 12 4.48 4.94 -7.63
C LEU A 12 4.92 3.55 -7.17
N PRO A 13 5.94 3.00 -7.84
CA PRO A 13 6.48 1.67 -7.52
C PRO A 13 7.22 1.66 -6.19
N PHE A 14 7.44 0.46 -5.66
CA PHE A 14 8.14 0.29 -4.38
C PHE A 14 9.05 -0.92 -4.41
N GLU A 15 10.35 -0.69 -4.27
CA GLU A 15 11.34 -1.76 -4.29
C GLU A 15 11.31 -2.52 -2.96
N LEU A 16 10.94 -3.80 -3.03
CA LEU A 16 10.88 -4.64 -1.84
C LEU A 16 11.85 -5.80 -1.94
N PRO A 17 12.17 -6.41 -0.80
CA PRO A 17 13.09 -7.56 -0.73
C PRO A 17 12.51 -8.81 -1.36
N ALA A 18 13.33 -9.86 -1.46
CA ALA A 18 12.88 -11.12 -2.03
C ALA A 18 11.87 -11.81 -1.13
N GLY A 19 10.76 -12.24 -1.71
CA GLY A 19 9.72 -12.92 -0.93
C GLY A 19 8.97 -11.97 -0.03
N ALA A 20 9.17 -10.67 -0.24
CA ALA A 20 8.50 -9.66 0.57
C ALA A 20 7.01 -9.93 0.68
N ARG A 21 6.36 -9.29 1.64
CA ARG A 21 4.92 -9.48 1.86
C ARG A 21 4.28 -8.18 2.33
N ALA A 22 2.96 -8.23 2.56
CA ALA A 22 2.24 -7.06 3.03
C ALA A 22 2.87 -6.47 4.28
N SER A 23 3.61 -7.30 5.01
CA SER A 23 4.27 -6.85 6.24
C SER A 23 5.37 -5.85 5.92
N GLN A 24 6.37 -6.30 5.17
CA GLN A 24 7.49 -5.43 4.80
C GLN A 24 6.99 -4.16 4.12
N LEU A 25 6.03 -4.31 3.22
CA LEU A 25 5.47 -3.18 2.50
C LEU A 25 4.70 -2.26 3.45
N SER A 26 3.95 -2.85 4.37
CA SER A 26 3.18 -2.10 5.34
C SER A 26 4.06 -1.12 6.10
N ASN A 27 5.16 -1.63 6.64
CA ASN A 27 6.10 -0.80 7.40
C ASN A 27 6.81 0.20 6.48
N LEU A 28 7.11 -0.23 5.26
CA LEU A 28 7.78 0.62 4.30
C LEU A 28 6.99 1.92 4.07
N LEU A 29 5.71 1.78 3.77
CA LEU A 29 4.85 2.94 3.55
C LEU A 29 4.48 3.62 4.86
N SER A 30 4.31 2.81 5.90
CA SER A 30 3.95 3.34 7.21
C SER A 30 5.08 4.19 7.79
N SER A 31 6.30 3.93 7.32
CA SER A 31 7.46 4.67 7.78
C SER A 31 7.23 6.18 7.69
N SER A 32 6.42 6.58 6.72
CA SER A 32 6.12 7.99 6.51
C SER A 32 5.27 8.53 7.65
N GLY A 33 4.27 7.74 8.06
CA GLY A 33 3.39 8.16 9.14
C GLY A 33 1.93 7.93 8.81
N MET A 34 1.16 9.02 8.77
CA MET A 34 -0.27 8.93 8.47
C MET A 34 -0.49 8.41 7.05
N ALA A 35 -0.68 7.10 6.94
CA ALA A 35 -0.90 6.49 5.64
C ALA A 35 -2.39 6.19 5.42
N PHE A 36 -2.68 5.43 4.38
CA PHE A 36 -4.06 5.07 4.05
C PHE A 36 -4.24 3.56 4.03
N SER A 37 -5.47 3.11 3.81
CA SER A 37 -5.78 1.69 3.76
C SER A 37 -5.27 1.06 2.47
N LEU A 38 -4.28 0.19 2.59
CA LEU A 38 -3.70 -0.48 1.43
C LEU A 38 -4.37 -1.83 1.19
N HIS A 39 -4.99 -1.98 0.02
CA HIS A 39 -5.66 -3.22 -0.34
C HIS A 39 -5.53 -3.51 -1.83
N THR A 40 -5.64 -4.78 -2.20
CA THR A 40 -5.53 -5.20 -3.59
C THR A 40 -6.85 -5.78 -4.10
N GLN A 41 -7.25 -5.35 -5.29
CA GLN A 41 -8.49 -5.83 -5.89
C GLN A 41 -9.66 -5.68 -4.92
N GLY A 42 -9.57 -4.68 -4.05
CA GLY A 42 -10.62 -4.45 -3.08
C GLY A 42 -10.62 -5.46 -1.96
N ARG A 43 -9.44 -5.99 -1.64
CA ARG A 43 -9.30 -6.98 -0.59
C ARG A 43 -8.12 -6.64 0.33
N VAL A 44 -8.36 -6.68 1.63
CA VAL A 44 -7.32 -6.38 2.61
C VAL A 44 -6.14 -7.33 2.47
N LEU A 45 -4.94 -6.82 2.73
CA LEU A 45 -3.73 -7.63 2.64
C LEU A 45 -3.37 -8.23 3.99
N SER A 46 -3.06 -9.52 4.00
CA SER A 46 -2.70 -10.21 5.23
C SER A 46 -1.24 -9.93 5.60
N GLU A 47 -0.95 -9.97 6.90
CA GLU A 47 0.40 -9.71 7.38
C GLU A 47 1.41 -10.65 6.72
N ALA A 48 0.92 -11.81 6.30
CA ALA A 48 1.78 -12.81 5.65
C ALA A 48 1.47 -12.91 4.16
N ALA A 49 0.63 -11.99 3.68
CA ALA A 49 0.25 -11.98 2.27
C ALA A 49 1.47 -11.87 1.37
N GLU A 50 1.73 -12.91 0.60
CA GLU A 50 2.87 -12.94 -0.31
C GLU A 50 2.42 -13.13 -1.75
N LEU A 51 2.64 -12.12 -2.59
CA LEU A 51 2.25 -12.19 -3.99
C LEU A 51 3.44 -12.63 -4.86
N ASN A 52 4.26 -11.66 -5.27
CA ASN A 52 5.42 -11.95 -6.10
C ASN A 52 6.18 -10.66 -6.42
N ASP A 53 6.88 -10.68 -7.55
CA ASP A 53 7.66 -9.51 -7.98
C ASP A 53 6.82 -8.60 -8.87
N LYS A 54 6.99 -7.29 -8.69
CA LYS A 54 6.25 -6.30 -9.46
C LYS A 54 4.75 -6.41 -9.19
N MET A 55 4.39 -6.55 -7.91
CA MET A 55 2.99 -6.66 -7.53
C MET A 55 2.24 -5.37 -7.84
N VAL A 56 0.95 -5.35 -7.51
CA VAL A 56 0.12 -4.18 -7.76
C VAL A 56 -0.86 -3.96 -6.62
N ILE A 57 -0.50 -3.10 -5.67
CA ILE A 57 -1.36 -2.79 -4.53
C ILE A 57 -2.15 -1.51 -4.76
N ASP A 58 -3.40 -1.50 -4.30
CA ASP A 58 -4.25 -0.33 -4.45
C ASP A 58 -4.39 0.41 -3.12
N ALA A 59 -3.79 1.60 -3.04
CA ALA A 59 -3.86 2.41 -1.83
C ALA A 59 -5.13 3.24 -1.79
N PHE A 60 -6.01 2.93 -0.85
CA PHE A 60 -7.27 3.65 -0.71
C PHE A 60 -7.26 4.51 0.55
N VAL A 61 -7.53 5.81 0.37
CA VAL A 61 -7.55 6.74 1.48
C VAL A 61 -8.97 6.95 1.98
N PRO A 62 -9.10 7.29 3.28
CA PRO A 62 -10.39 7.53 3.92
C PRO A 62 -11.05 8.82 3.42
N ALA A 63 -12.36 8.77 3.22
CA ALA A 63 -13.10 9.93 2.75
C ALA A 63 -12.95 11.11 3.70
N ASP A 64 -13.04 12.32 3.17
CA ASP A 64 -12.91 13.52 3.97
C ASP A 64 -14.16 13.76 4.80
N GLY A 65 -14.01 13.73 6.12
CA GLY A 65 -15.14 13.94 7.01
C GLY A 65 -15.17 15.34 7.59
N ALA A 66 -14.70 16.31 6.81
CA ALA A 66 -14.67 17.70 7.26
C ALA A 66 -14.93 18.65 6.10
N GLY A 67 -14.68 19.94 6.32
CA GLY A 67 -14.89 20.93 5.29
C GLY A 67 -15.31 22.28 5.84
N LEU A 68 -14.56 22.76 6.82
CA LEU A 68 -14.86 24.05 7.45
C LEU A 68 -14.71 25.19 6.45
N GLU A 69 -13.47 25.47 6.05
CA GLU A 69 -13.20 26.53 5.10
C GLU A 69 -13.85 26.24 3.75
N MET A 1 11.51 -8.35 -3.71
CA MET A 1 10.17 -8.39 -4.29
C MET A 1 9.69 -7.00 -4.69
N LEU A 2 9.17 -6.88 -5.90
CA LEU A 2 8.68 -5.60 -6.40
C LEU A 2 7.20 -5.42 -6.09
N VAL A 3 6.80 -4.17 -5.86
CA VAL A 3 5.40 -3.86 -5.55
C VAL A 3 4.96 -2.57 -6.23
N ILE A 4 3.96 -2.68 -7.08
CA ILE A 4 3.43 -1.52 -7.80
C ILE A 4 2.28 -0.88 -7.04
N VAL A 5 2.61 0.15 -6.25
CA VAL A 5 1.59 0.85 -5.46
C VAL A 5 0.96 1.98 -6.28
N ARG A 6 -0.33 1.81 -6.59
CA ARG A 6 -1.05 2.81 -7.37
C ARG A 6 -1.68 3.86 -6.46
N LEU A 7 -1.26 5.11 -6.63
CA LEU A 7 -1.78 6.22 -5.82
C LEU A 7 -2.86 6.98 -6.57
N GLN A 8 -3.92 7.33 -5.87
CA GLN A 8 -5.03 8.07 -6.47
C GLN A 8 -4.53 8.96 -7.60
N ASP A 9 -3.51 9.77 -7.32
CA ASP A 9 -2.95 10.67 -8.31
C ASP A 9 -2.38 9.88 -9.49
N GLN A 10 -1.39 9.04 -9.22
CA GLN A 10 -0.77 8.23 -10.25
C GLN A 10 -0.13 6.98 -9.67
N THR A 11 0.37 6.11 -10.53
CA THR A 11 1.01 4.87 -10.09
C THR A 11 2.48 5.09 -9.78
N LEU A 12 3.01 4.29 -8.85
CA LEU A 12 4.41 4.40 -8.47
C LEU A 12 4.92 3.08 -7.89
N PRO A 13 5.97 2.52 -8.50
CA PRO A 13 6.58 1.27 -8.07
C PRO A 13 7.31 1.40 -6.74
N PHE A 14 7.59 0.27 -6.10
CA PHE A 14 8.27 0.26 -4.82
C PHE A 14 9.09 -1.02 -4.65
N GLU A 15 10.31 -0.88 -4.13
CA GLU A 15 11.19 -2.03 -3.92
C GLU A 15 10.99 -2.60 -2.52
N LEU A 16 10.61 -3.86 -2.44
CA LEU A 16 10.40 -4.53 -1.17
C LEU A 16 11.37 -5.70 -0.98
N PRO A 17 11.54 -6.13 0.27
CA PRO A 17 12.44 -7.24 0.60
C PRO A 17 11.93 -8.58 0.11
N ALA A 18 12.74 -9.62 0.27
CA ALA A 18 12.36 -10.96 -0.17
C ALA A 18 11.23 -11.52 0.68
N GLY A 19 10.13 -11.87 0.03
CA GLY A 19 8.99 -12.42 0.75
C GLY A 19 8.27 -11.37 1.57
N ALA A 20 8.52 -10.10 1.27
CA ALA A 20 7.89 -8.99 1.99
C ALA A 20 6.41 -9.25 2.19
N ARG A 21 5.87 -8.72 3.29
CA ARG A 21 4.45 -8.89 3.60
C ARG A 21 3.74 -7.54 3.64
N ALA A 22 2.41 -7.58 3.76
CA ALA A 22 1.62 -6.37 3.82
C ALA A 22 2.15 -5.40 4.87
N SER A 23 2.60 -5.95 6.01
CA SER A 23 3.13 -5.14 7.09
C SER A 23 4.31 -4.30 6.62
N GLN A 24 5.32 -4.97 6.06
CA GLN A 24 6.50 -4.28 5.57
C GLN A 24 6.13 -3.17 4.59
N LEU A 25 5.29 -3.50 3.61
CA LEU A 25 4.85 -2.53 2.62
C LEU A 25 4.08 -1.40 3.28
N SER A 26 3.22 -1.74 4.23
CA SER A 26 2.42 -0.75 4.93
C SER A 26 3.31 0.35 5.52
N ASN A 27 4.30 -0.05 6.31
CA ASN A 27 5.21 0.89 6.94
C ASN A 27 6.01 1.66 5.88
N LEU A 28 6.37 0.96 4.81
CA LEU A 28 7.13 1.57 3.73
C LEU A 28 6.42 2.81 3.19
N LEU A 29 5.15 2.64 2.83
CA LEU A 29 4.35 3.74 2.30
C LEU A 29 3.99 4.73 3.40
N SER A 30 3.67 4.20 4.59
CA SER A 30 3.30 5.03 5.72
C SER A 30 4.44 5.99 6.10
N SER A 31 5.67 5.56 5.82
CA SER A 31 6.85 6.36 6.12
C SER A 31 6.70 7.78 5.56
N SER A 32 5.97 7.89 4.45
CA SER A 32 5.75 9.17 3.80
C SER A 32 5.05 10.14 4.74
N GLY A 33 4.61 11.27 4.19
CA GLY A 33 3.93 12.28 4.99
C GLY A 33 2.78 11.69 5.78
N MET A 34 1.92 10.92 5.10
CA MET A 34 0.76 10.31 5.76
C MET A 34 0.58 8.87 5.27
N ALA A 35 -0.38 8.17 5.87
CA ALA A 35 -0.66 6.79 5.49
C ALA A 35 -2.09 6.64 4.97
N PHE A 36 -2.26 5.76 3.99
CA PHE A 36 -3.57 5.54 3.40
C PHE A 36 -3.92 4.05 3.41
N SER A 37 -5.13 3.72 2.97
CA SER A 37 -5.59 2.34 2.94
C SER A 37 -4.96 1.58 1.78
N LEU A 38 -4.16 0.57 2.10
CA LEU A 38 -3.50 -0.24 1.08
C LEU A 38 -4.27 -1.52 0.81
N HIS A 39 -4.91 -1.58 -0.36
CA HIS A 39 -5.69 -2.76 -0.74
C HIS A 39 -5.41 -3.13 -2.19
N THR A 40 -5.41 -4.44 -2.47
CA THR A 40 -5.16 -4.93 -3.82
C THR A 40 -6.46 -5.33 -4.51
N GLN A 41 -6.67 -4.80 -5.71
CA GLN A 41 -7.88 -5.10 -6.47
C GLN A 41 -9.14 -4.87 -5.64
N GLY A 42 -9.05 -3.91 -4.71
CA GLY A 42 -10.17 -3.61 -3.86
C GLY A 42 -10.31 -4.57 -2.69
N ARG A 43 -9.18 -5.15 -2.29
CA ARG A 43 -9.18 -6.10 -1.18
C ARG A 43 -8.09 -5.75 -0.16
N VAL A 44 -8.52 -5.37 1.04
CA VAL A 44 -7.58 -5.00 2.10
C VAL A 44 -6.55 -6.10 2.31
N LEU A 45 -5.28 -5.69 2.45
CA LEU A 45 -4.19 -6.63 2.66
C LEU A 45 -4.11 -7.05 4.12
N SER A 46 -3.96 -8.35 4.36
CA SER A 46 -3.87 -8.88 5.72
C SER A 46 -2.48 -8.65 6.29
N GLU A 47 -2.41 -8.51 7.62
CA GLU A 47 -1.13 -8.29 8.29
C GLU A 47 -0.14 -9.39 7.95
N ALA A 48 -0.65 -10.57 7.61
CA ALA A 48 0.19 -11.70 7.26
C ALA A 48 0.20 -11.94 5.75
N ALA A 49 -0.53 -11.10 5.02
CA ALA A 49 -0.62 -11.22 3.57
C ALA A 49 0.78 -11.26 2.95
N GLU A 50 1.07 -12.34 2.21
CA GLU A 50 2.36 -12.49 1.57
C GLU A 50 2.35 -11.87 0.18
N LEU A 51 3.26 -10.93 -0.05
CA LEU A 51 3.36 -10.25 -1.32
C LEU A 51 4.03 -11.14 -2.37
N ASN A 52 4.52 -10.53 -3.44
CA ASN A 52 5.18 -11.28 -4.51
C ASN A 52 6.01 -10.34 -5.38
N ASP A 53 6.53 -10.88 -6.49
CA ASP A 53 7.34 -10.10 -7.41
C ASP A 53 6.46 -9.35 -8.41
N LYS A 54 6.84 -8.12 -8.73
CA LYS A 54 6.10 -7.31 -9.68
C LYS A 54 4.61 -7.28 -9.32
N MET A 55 4.31 -7.12 -8.04
CA MET A 55 2.94 -7.08 -7.57
C MET A 55 2.28 -5.75 -7.92
N VAL A 56 0.98 -5.65 -7.65
CA VAL A 56 0.24 -4.43 -7.93
C VAL A 56 -0.76 -4.12 -6.83
N ILE A 57 -0.38 -3.24 -5.91
CA ILE A 57 -1.25 -2.86 -4.80
C ILE A 57 -1.94 -1.54 -5.08
N ASP A 58 -3.22 -1.46 -4.75
CA ASP A 58 -4.00 -0.25 -4.95
C ASP A 58 -4.02 0.61 -3.68
N ALA A 59 -3.32 1.73 -3.72
CA ALA A 59 -3.26 2.62 -2.57
C ALA A 59 -4.35 3.69 -2.65
N PHE A 60 -5.33 3.59 -1.76
CA PHE A 60 -6.44 4.53 -1.73
C PHE A 60 -6.34 5.45 -0.51
N VAL A 61 -6.26 6.75 -0.76
CA VAL A 61 -6.16 7.73 0.31
C VAL A 61 -7.52 8.36 0.62
N PRO A 62 -7.71 8.79 1.88
CA PRO A 62 -8.95 9.42 2.32
C PRO A 62 -9.16 10.79 1.70
N ALA A 63 -10.40 11.07 1.28
CA ALA A 63 -10.73 12.35 0.68
C ALA A 63 -11.17 13.37 1.73
N ASP A 64 -11.29 14.62 1.33
CA ASP A 64 -11.69 15.69 2.24
C ASP A 64 -13.17 15.54 2.62
N GLY A 65 -13.45 15.64 3.90
CA GLY A 65 -14.82 15.51 4.37
C GLY A 65 -15.05 16.19 5.71
N ALA A 66 -15.65 15.46 6.65
CA ALA A 66 -15.91 16.00 7.98
C ALA A 66 -15.66 14.93 9.05
N GLY A 67 -14.70 15.20 9.93
CA GLY A 67 -14.38 14.27 10.98
C GLY A 67 -13.19 14.71 11.81
N LEU A 68 -13.41 15.68 12.69
CA LEU A 68 -12.35 16.20 13.55
C LEU A 68 -11.86 15.13 14.52
N GLU A 69 -12.69 14.77 15.48
CA GLU A 69 -12.35 13.75 16.46
C GLU A 69 -12.60 12.36 15.91
N MET A 1 11.32 -8.44 -4.27
CA MET A 1 9.92 -8.43 -4.67
C MET A 1 9.48 -7.02 -5.09
N LEU A 2 8.98 -6.91 -6.31
CA LEU A 2 8.52 -5.63 -6.83
C LEU A 2 7.07 -5.37 -6.48
N VAL A 3 6.73 -4.12 -6.20
CA VAL A 3 5.37 -3.75 -5.84
C VAL A 3 4.99 -2.40 -6.45
N ILE A 4 3.98 -2.42 -7.32
CA ILE A 4 3.52 -1.20 -7.97
C ILE A 4 2.47 -0.49 -7.13
N VAL A 5 2.92 0.48 -6.32
CA VAL A 5 2.02 1.24 -5.46
C VAL A 5 1.35 2.38 -6.23
N ARG A 6 0.02 2.42 -6.19
CA ARG A 6 -0.72 3.45 -6.87
C ARG A 6 -1.10 4.60 -5.92
N LEU A 7 -0.60 5.78 -6.22
CA LEU A 7 -0.87 6.96 -5.39
C LEU A 7 -2.24 7.54 -5.71
N GLN A 8 -2.72 8.43 -4.85
CA GLN A 8 -4.02 9.06 -5.04
C GLN A 8 -4.38 9.14 -6.51
N ASP A 9 -3.49 9.73 -7.31
CA ASP A 9 -3.71 9.87 -8.74
C ASP A 9 -2.40 9.70 -9.51
N GLN A 10 -1.61 8.70 -9.12
CA GLN A 10 -0.33 8.44 -9.76
C GLN A 10 0.07 6.98 -9.59
N THR A 11 1.11 6.58 -10.32
CA THR A 11 1.60 5.21 -10.25
C THR A 11 3.13 5.17 -10.15
N LEU A 12 3.63 4.61 -9.06
CA LEU A 12 5.07 4.51 -8.84
C LEU A 12 5.44 3.16 -8.26
N PRO A 13 6.48 2.52 -8.83
CA PRO A 13 6.96 1.21 -8.38
C PRO A 13 7.64 1.28 -7.01
N PHE A 14 7.80 0.13 -6.38
CA PHE A 14 8.43 0.06 -5.07
C PHE A 14 9.27 -1.21 -4.94
N GLU A 15 10.54 -1.04 -4.57
CA GLU A 15 11.46 -2.16 -4.40
C GLU A 15 11.37 -2.74 -3.00
N LEU A 16 10.88 -3.96 -2.91
CA LEU A 16 10.75 -4.63 -1.61
C LEU A 16 11.62 -5.88 -1.55
N PRO A 17 11.88 -6.36 -0.32
CA PRO A 17 12.70 -7.55 -0.10
C PRO A 17 12.01 -8.83 -0.56
N ALA A 18 12.73 -9.95 -0.51
CA ALA A 18 12.18 -11.23 -0.91
C ALA A 18 11.16 -11.74 0.10
N GLY A 19 9.96 -12.05 -0.38
CA GLY A 19 8.91 -12.54 0.49
C GLY A 19 8.16 -11.41 1.18
N ALA A 20 8.48 -10.18 0.82
CA ALA A 20 7.83 -9.02 1.42
C ALA A 20 6.32 -9.17 1.38
N ARG A 21 5.68 -8.88 2.51
CA ARG A 21 4.23 -8.98 2.62
C ARG A 21 3.60 -7.61 2.84
N ALA A 22 2.27 -7.57 2.88
CA ALA A 22 1.55 -6.32 3.08
C ALA A 22 2.07 -5.58 4.30
N SER A 23 2.61 -6.33 5.25
CA SER A 23 3.15 -5.75 6.48
C SER A 23 4.36 -4.87 6.18
N GLN A 24 5.42 -5.48 5.66
CA GLN A 24 6.64 -4.76 5.32
C GLN A 24 6.34 -3.56 4.44
N LEU A 25 5.59 -3.79 3.36
CA LEU A 25 5.23 -2.73 2.43
C LEU A 25 4.53 -1.58 3.15
N SER A 26 3.49 -1.91 3.91
CA SER A 26 2.75 -0.91 4.66
C SER A 26 3.68 -0.04 5.50
N ASN A 27 4.75 -0.66 6.00
CA ASN A 27 5.73 0.05 6.83
C ASN A 27 6.49 1.07 6.00
N LEU A 28 7.03 0.63 4.87
CA LEU A 28 7.79 1.51 3.98
C LEU A 28 6.98 2.75 3.62
N LEU A 29 5.75 2.53 3.16
CA LEU A 29 4.86 3.62 2.77
C LEU A 29 4.58 4.53 3.96
N SER A 30 4.24 3.91 5.09
CA SER A 30 3.93 4.66 6.30
C SER A 30 5.15 5.43 6.80
N SER A 31 6.34 4.96 6.40
CA SER A 31 7.58 5.60 6.81
C SER A 31 7.59 7.07 6.41
N SER A 32 7.29 7.34 5.14
CA SER A 32 7.27 8.71 4.63
C SER A 32 6.16 8.88 3.59
N GLY A 33 5.70 10.11 3.44
CA GLY A 33 4.64 10.39 2.48
C GLY A 33 3.27 9.98 2.99
N MET A 34 2.80 10.68 4.03
CA MET A 34 1.50 10.39 4.61
C MET A 34 1.36 8.90 4.91
N ALA A 35 0.14 8.48 5.25
CA ALA A 35 -0.13 7.08 5.55
C ALA A 35 -1.58 6.73 5.27
N PHE A 36 -1.79 5.99 4.18
CA PHE A 36 -3.14 5.58 3.79
C PHE A 36 -3.24 4.06 3.71
N SER A 37 -4.44 3.57 3.42
CA SER A 37 -4.68 2.14 3.32
C SER A 37 -4.13 1.59 2.00
N LEU A 38 -3.73 0.32 2.01
CA LEU A 38 -3.20 -0.32 0.82
C LEU A 38 -3.97 -1.59 0.49
N HIS A 39 -4.75 -1.54 -0.58
CA HIS A 39 -5.55 -2.69 -1.01
C HIS A 39 -5.21 -3.08 -2.44
N THR A 40 -5.27 -4.38 -2.73
CA THR A 40 -4.97 -4.88 -4.07
C THR A 40 -6.11 -5.76 -4.59
N GLN A 41 -6.27 -5.79 -5.91
CA GLN A 41 -7.31 -6.59 -6.53
C GLN A 41 -8.69 -6.16 -6.04
N GLY A 42 -8.77 -4.95 -5.50
CA GLY A 42 -10.04 -4.45 -4.98
C GLY A 42 -10.29 -4.88 -3.55
N ARG A 43 -9.46 -5.77 -3.04
CA ARG A 43 -9.60 -6.27 -1.68
C ARG A 43 -8.46 -5.77 -0.79
N VAL A 44 -8.76 -5.57 0.48
CA VAL A 44 -7.76 -5.09 1.44
C VAL A 44 -6.72 -6.16 1.73
N LEU A 45 -5.46 -5.75 1.83
CA LEU A 45 -4.37 -6.68 2.10
C LEU A 45 -4.20 -6.87 3.60
N SER A 46 -4.05 -8.13 4.01
CA SER A 46 -3.88 -8.46 5.42
C SER A 46 -2.41 -8.30 5.85
N GLU A 47 -2.20 -8.03 7.13
CA GLU A 47 -0.86 -7.86 7.66
C GLU A 47 0.00 -9.09 7.40
N ALA A 48 -0.65 -10.24 7.28
CA ALA A 48 0.06 -11.49 7.03
C ALA A 48 -0.16 -11.96 5.60
N ALA A 49 -0.81 -11.12 4.80
CA ALA A 49 -1.08 -11.45 3.40
C ALA A 49 0.22 -11.69 2.64
N GLU A 50 0.19 -12.64 1.71
CA GLU A 50 1.36 -12.97 0.91
C GLU A 50 1.14 -12.62 -0.56
N LEU A 51 2.04 -11.83 -1.12
CA LEU A 51 1.93 -11.42 -2.51
C LEU A 51 2.95 -12.16 -3.38
N ASN A 52 3.07 -11.75 -4.64
CA ASN A 52 4.01 -12.38 -5.56
C ASN A 52 4.84 -11.33 -6.29
N ASP A 53 6.00 -11.73 -6.78
CA ASP A 53 6.89 -10.83 -7.50
C ASP A 53 6.12 -10.03 -8.55
N LYS A 54 6.46 -8.75 -8.67
CA LYS A 54 5.79 -7.87 -9.63
C LYS A 54 4.31 -7.71 -9.29
N MET A 55 4.03 -7.45 -8.03
CA MET A 55 2.65 -7.27 -7.57
C MET A 55 2.19 -5.83 -7.78
N VAL A 56 0.94 -5.56 -7.42
CA VAL A 56 0.38 -4.22 -7.55
C VAL A 56 -0.48 -3.85 -6.36
N ILE A 57 -0.17 -2.73 -5.73
CA ILE A 57 -0.92 -2.26 -4.56
C ILE A 57 -1.57 -0.91 -4.82
N ASP A 58 -2.81 -0.76 -4.38
CA ASP A 58 -3.53 0.50 -4.56
C ASP A 58 -3.64 1.27 -3.25
N ALA A 59 -3.02 2.45 -3.22
CA ALA A 59 -3.04 3.29 -2.02
C ALA A 59 -4.31 4.13 -1.97
N PHE A 60 -5.18 3.81 -1.02
CA PHE A 60 -6.44 4.55 -0.86
C PHE A 60 -6.40 5.42 0.39
N VAL A 61 -6.63 6.71 0.21
CA VAL A 61 -6.62 7.65 1.33
C VAL A 61 -8.04 7.94 1.82
N PRO A 62 -8.16 8.28 3.10
CA PRO A 62 -9.45 8.58 3.72
C PRO A 62 -10.05 9.89 3.21
N ALA A 63 -11.36 9.89 2.98
CA ALA A 63 -12.05 11.08 2.51
C ALA A 63 -11.93 12.23 3.49
N ASP A 64 -12.03 13.45 2.99
CA ASP A 64 -11.92 14.63 3.83
C ASP A 64 -13.18 14.82 4.67
N GLY A 65 -13.01 14.88 5.98
CA GLY A 65 -14.15 15.05 6.88
C GLY A 65 -14.66 13.73 7.42
N ALA A 66 -14.89 13.69 8.74
CA ALA A 66 -15.38 12.48 9.38
C ALA A 66 -16.46 12.80 10.41
N GLY A 67 -17.04 13.99 10.29
CA GLY A 67 -18.08 14.41 11.21
C GLY A 67 -17.51 15.04 12.47
N LEU A 68 -16.64 16.03 12.29
CA LEU A 68 -16.03 16.72 13.43
C LEU A 68 -17.08 17.47 14.23
N GLU A 69 -17.62 18.54 13.64
CA GLU A 69 -18.63 19.35 14.30
C GLU A 69 -20.01 18.74 14.14
N MET A 1 11.33 -8.61 -4.49
CA MET A 1 9.96 -8.53 -4.98
C MET A 1 9.52 -7.09 -5.17
N LEU A 2 8.99 -6.78 -6.35
CA LEU A 2 8.53 -5.43 -6.65
C LEU A 2 7.09 -5.22 -6.20
N VAL A 3 6.72 -3.97 -5.98
CA VAL A 3 5.37 -3.64 -5.54
C VAL A 3 4.88 -2.36 -6.21
N ILE A 4 3.94 -2.49 -7.13
CA ILE A 4 3.38 -1.35 -7.85
C ILE A 4 2.33 -0.64 -7.00
N VAL A 5 2.77 0.39 -6.29
CA VAL A 5 1.87 1.17 -5.44
C VAL A 5 1.12 2.22 -6.25
N ARG A 6 -0.20 2.09 -6.30
CA ARG A 6 -1.04 3.03 -7.04
C ARG A 6 -1.54 4.15 -6.13
N LEU A 7 -1.10 5.37 -6.41
CA LEU A 7 -1.51 6.52 -5.61
C LEU A 7 -2.87 7.04 -6.05
N GLN A 8 -3.49 7.85 -5.21
CA GLN A 8 -4.81 8.41 -5.51
C GLN A 8 -5.01 8.52 -7.01
N ASP A 9 -4.12 9.26 -7.67
CA ASP A 9 -4.21 9.44 -9.12
C ASP A 9 -2.82 9.40 -9.75
N GLN A 10 -1.99 8.47 -9.29
CA GLN A 10 -0.63 8.33 -9.81
C GLN A 10 -0.13 6.90 -9.61
N THR A 11 1.03 6.60 -10.20
CA THR A 11 1.62 5.28 -10.08
C THR A 11 3.10 5.36 -9.73
N LEU A 12 3.53 4.52 -8.80
CA LEU A 12 4.93 4.50 -8.37
C LEU A 12 5.30 3.14 -7.80
N PRO A 13 6.21 2.44 -8.48
CA PRO A 13 6.68 1.11 -8.05
C PRO A 13 7.53 1.18 -6.80
N PHE A 14 7.70 0.05 -6.14
CA PHE A 14 8.50 -0.03 -4.91
C PHE A 14 9.37 -1.28 -4.90
N GLU A 15 10.56 -1.16 -4.32
CA GLU A 15 11.49 -2.29 -4.24
C GLU A 15 11.42 -2.96 -2.87
N LEU A 16 10.90 -4.18 -2.84
CA LEU A 16 10.79 -4.93 -1.59
C LEU A 16 11.65 -6.19 -1.62
N PRO A 17 11.93 -6.74 -0.44
CA PRO A 17 12.74 -7.96 -0.31
C PRO A 17 12.02 -9.20 -0.83
N ALA A 18 12.73 -10.32 -0.87
CA ALA A 18 12.15 -11.57 -1.34
C ALA A 18 11.15 -12.12 -0.33
N GLY A 19 9.93 -12.37 -0.79
CA GLY A 19 8.89 -12.90 0.08
C GLY A 19 8.24 -11.81 0.91
N ALA A 20 8.55 -10.56 0.61
CA ALA A 20 7.99 -9.43 1.34
C ALA A 20 6.47 -9.57 1.49
N ARG A 21 5.90 -8.83 2.44
CA ARG A 21 4.47 -8.88 2.68
C ARG A 21 3.91 -7.48 2.89
N ALA A 22 2.60 -7.39 3.14
CA ALA A 22 1.94 -6.12 3.37
C ALA A 22 2.66 -5.31 4.45
N SER A 23 2.92 -5.96 5.58
CA SER A 23 3.59 -5.31 6.70
C SER A 23 4.87 -4.62 6.24
N GLN A 24 5.67 -5.34 5.47
CA GLN A 24 6.93 -4.79 4.96
C GLN A 24 6.70 -3.51 4.18
N LEU A 25 5.85 -3.59 3.15
CA LEU A 25 5.53 -2.43 2.33
C LEU A 25 4.91 -1.32 3.16
N SER A 26 4.12 -1.71 4.16
CA SER A 26 3.46 -0.75 5.03
C SER A 26 4.48 0.15 5.72
N ASN A 27 5.43 -0.46 6.42
CA ASN A 27 6.47 0.29 7.12
C ASN A 27 7.31 1.10 6.14
N LEU A 28 7.58 0.52 4.97
CA LEU A 28 8.37 1.19 3.95
C LEU A 28 7.76 2.53 3.58
N LEU A 29 6.48 2.52 3.24
CA LEU A 29 5.78 3.75 2.86
C LEU A 29 5.58 4.65 4.08
N SER A 30 5.20 4.06 5.20
CA SER A 30 4.98 4.81 6.43
C SER A 30 6.22 5.63 6.80
N SER A 31 7.39 5.07 6.51
CA SER A 31 8.66 5.74 6.82
C SER A 31 8.67 7.15 6.23
N SER A 32 7.95 7.34 5.14
CA SER A 32 7.89 8.64 4.48
C SER A 32 6.98 9.59 5.25
N GLY A 33 6.68 10.74 4.65
CA GLY A 33 5.82 11.72 5.29
C GLY A 33 4.36 11.35 5.20
N MET A 34 3.93 10.95 4.00
CA MET A 34 2.54 10.57 3.78
C MET A 34 2.20 9.29 4.54
N ALA A 35 0.90 8.99 4.64
CA ALA A 35 0.44 7.80 5.32
C ALA A 35 -1.02 7.51 5.04
N PHE A 36 -1.27 6.68 4.04
CA PHE A 36 -2.64 6.34 3.65
C PHE A 36 -2.83 4.83 3.65
N SER A 37 -4.07 4.39 3.39
CA SER A 37 -4.39 2.97 3.36
C SER A 37 -3.82 2.31 2.11
N LEU A 38 -3.44 1.03 2.24
CA LEU A 38 -2.88 0.28 1.13
C LEU A 38 -3.58 -1.07 0.98
N HIS A 39 -4.51 -1.13 0.05
CA HIS A 39 -5.25 -2.36 -0.20
C HIS A 39 -5.12 -2.79 -1.66
N THR A 40 -5.46 -4.04 -1.94
CA THR A 40 -5.38 -4.58 -3.31
C THR A 40 -6.71 -5.18 -3.74
N GLN A 41 -7.06 -4.98 -5.00
CA GLN A 41 -8.31 -5.51 -5.54
C GLN A 41 -9.50 -5.10 -4.67
N GLY A 42 -9.38 -3.94 -4.04
CA GLY A 42 -10.45 -3.45 -3.18
C GLY A 42 -10.58 -4.25 -1.90
N ARG A 43 -9.46 -4.82 -1.45
CA ARG A 43 -9.47 -5.61 -0.22
C ARG A 43 -8.28 -5.25 0.67
N VAL A 44 -8.56 -4.95 1.93
CA VAL A 44 -7.51 -4.59 2.88
C VAL A 44 -6.40 -5.64 2.90
N LEU A 45 -5.17 -5.18 3.14
CA LEU A 45 -4.03 -6.08 3.18
C LEU A 45 -3.68 -6.44 4.62
N SER A 46 -3.59 -7.74 4.90
CA SER A 46 -3.27 -8.21 6.23
C SER A 46 -1.77 -8.09 6.51
N GLU A 47 -1.42 -7.94 7.78
CA GLU A 47 -0.02 -7.81 8.17
C GLU A 47 0.80 -8.99 7.68
N ALA A 48 0.13 -10.12 7.46
CA ALA A 48 0.79 -11.33 6.98
C ALA A 48 0.38 -11.64 5.55
N ALA A 49 -0.32 -10.71 4.92
CA ALA A 49 -0.75 -10.89 3.54
C ALA A 49 0.42 -11.00 2.59
N GLU A 50 0.56 -12.15 1.95
CA GLU A 50 1.66 -12.38 1.01
C GLU A 50 1.12 -12.64 -0.39
N LEU A 51 1.44 -11.75 -1.33
CA LEU A 51 0.99 -11.87 -2.71
C LEU A 51 2.02 -12.64 -3.54
N ASN A 52 2.96 -11.91 -4.11
CA ASN A 52 4.00 -12.53 -4.93
C ASN A 52 4.94 -11.47 -5.50
N ASP A 53 5.93 -11.91 -6.29
CA ASP A 53 6.89 -11.00 -6.89
C ASP A 53 6.19 -10.07 -7.88
N LYS A 54 6.84 -8.94 -8.18
CA LYS A 54 6.30 -7.97 -9.11
C LYS A 54 4.79 -7.85 -8.95
N MET A 55 4.34 -7.60 -7.72
CA MET A 55 2.92 -7.46 -7.43
C MET A 55 2.47 -6.01 -7.62
N VAL A 56 1.20 -5.75 -7.33
CA VAL A 56 0.64 -4.41 -7.47
C VAL A 56 -0.31 -4.09 -6.33
N ILE A 57 0.01 -3.06 -5.56
CA ILE A 57 -0.82 -2.64 -4.44
C ILE A 57 -1.52 -1.33 -4.72
N ASP A 58 -2.75 -1.20 -4.24
CA ASP A 58 -3.52 0.02 -4.44
C ASP A 58 -3.54 0.88 -3.18
N ALA A 59 -2.98 2.07 -3.27
CA ALA A 59 -2.92 2.99 -2.14
C ALA A 59 -4.08 3.98 -2.17
N PHE A 60 -4.91 3.96 -1.13
CA PHE A 60 -6.05 4.85 -1.05
C PHE A 60 -5.90 5.84 0.10
N VAL A 61 -5.98 7.13 -0.21
CA VAL A 61 -5.85 8.17 0.80
C VAL A 61 -7.21 8.64 1.29
N PRO A 62 -7.26 9.12 2.54
CA PRO A 62 -8.49 9.62 3.15
C PRO A 62 -8.98 10.92 2.52
N ALA A 63 -10.28 11.04 2.34
CA ALA A 63 -10.86 12.24 1.75
C ALA A 63 -11.63 13.04 2.79
N ASP A 64 -11.99 14.27 2.44
CA ASP A 64 -12.74 15.13 3.34
C ASP A 64 -14.21 14.73 3.40
N GLY A 65 -14.67 14.36 4.60
CA GLY A 65 -16.05 13.94 4.77
C GLY A 65 -16.66 14.49 6.04
N ALA A 66 -16.28 15.72 6.40
CA ALA A 66 -16.79 16.35 7.61
C ALA A 66 -16.64 15.44 8.82
N GLY A 67 -15.51 15.56 9.51
CA GLY A 67 -15.27 14.73 10.68
C GLY A 67 -15.57 15.46 11.98
N LEU A 68 -16.81 15.89 12.12
CA LEU A 68 -17.24 16.60 13.33
C LEU A 68 -17.16 15.70 14.55
N GLU A 69 -18.04 14.71 14.62
CA GLU A 69 -18.06 13.78 15.74
C GLU A 69 -16.67 13.18 15.97
N MET A 1 11.29 -8.25 -4.12
CA MET A 1 10.07 -8.30 -4.92
C MET A 1 9.62 -6.90 -5.31
N LEU A 2 8.99 -6.78 -6.47
CA LEU A 2 8.51 -5.49 -6.97
C LEU A 2 7.04 -5.30 -6.62
N VAL A 3 6.70 -4.12 -6.10
CA VAL A 3 5.33 -3.81 -5.74
C VAL A 3 4.90 -2.45 -6.30
N ILE A 4 3.86 -2.47 -7.13
CA ILE A 4 3.36 -1.24 -7.74
C ILE A 4 2.25 -0.63 -6.88
N VAL A 5 2.62 0.36 -6.08
CA VAL A 5 1.67 1.05 -5.21
C VAL A 5 0.99 2.21 -5.95
N ARG A 6 -0.34 2.13 -6.06
CA ARG A 6 -1.10 3.17 -6.75
C ARG A 6 -1.65 4.19 -5.74
N LEU A 7 -1.10 5.39 -5.78
CA LEU A 7 -1.54 6.45 -4.87
C LEU A 7 -2.53 7.38 -5.56
N GLN A 8 -3.56 7.78 -4.83
CA GLN A 8 -4.58 8.67 -5.38
C GLN A 8 -3.98 9.60 -6.43
N ASP A 9 -2.90 10.28 -6.07
CA ASP A 9 -2.24 11.21 -6.99
C ASP A 9 -1.73 10.46 -8.23
N GLN A 10 -0.84 9.50 -8.01
CA GLN A 10 -0.27 8.72 -9.10
C GLN A 10 0.21 7.36 -8.61
N THR A 11 0.61 6.51 -9.55
CA THR A 11 1.09 5.17 -9.21
C THR A 11 2.57 5.03 -9.51
N LEU A 12 3.32 4.49 -8.55
CA LEU A 12 4.76 4.30 -8.71
C LEU A 12 5.20 2.98 -8.11
N PRO A 13 6.29 2.41 -8.66
CA PRO A 13 6.84 1.13 -8.19
C PRO A 13 7.48 1.25 -6.82
N PHE A 14 7.69 0.11 -6.17
CA PHE A 14 8.29 0.08 -4.84
C PHE A 14 9.18 -1.15 -4.67
N GLU A 15 10.45 -0.91 -4.33
CA GLU A 15 11.40 -1.99 -4.15
C GLU A 15 11.21 -2.66 -2.79
N LEU A 16 10.86 -3.95 -2.81
CA LEU A 16 10.64 -4.69 -1.58
C LEU A 16 11.62 -5.85 -1.47
N PRO A 17 11.80 -6.37 -0.24
CA PRO A 17 12.70 -7.49 0.02
C PRO A 17 12.18 -8.80 -0.56
N ALA A 18 12.99 -9.86 -0.44
CA ALA A 18 12.62 -11.17 -0.95
C ALA A 18 11.39 -11.71 -0.21
N GLY A 19 10.44 -12.25 -0.98
CA GLY A 19 9.24 -12.79 -0.37
C GLY A 19 8.56 -11.82 0.57
N ALA A 20 8.78 -10.53 0.33
CA ALA A 20 8.18 -9.49 1.16
C ALA A 20 6.68 -9.73 1.37
N ARG A 21 6.12 -9.10 2.39
CA ARG A 21 4.70 -9.25 2.69
C ARG A 21 4.06 -7.90 2.96
N ALA A 22 2.74 -7.90 3.15
CA ALA A 22 2.00 -6.66 3.42
C ALA A 22 2.63 -5.90 4.58
N SER A 23 3.29 -6.62 5.47
CA SER A 23 3.94 -6.00 6.63
C SER A 23 5.06 -5.07 6.20
N GLN A 24 6.05 -5.63 5.52
CA GLN A 24 7.20 -4.85 5.05
C GLN A 24 6.74 -3.67 4.21
N LEU A 25 5.86 -3.94 3.24
CA LEU A 25 5.34 -2.90 2.36
C LEU A 25 4.71 -1.77 3.18
N SER A 26 3.77 -2.14 4.04
CA SER A 26 3.07 -1.16 4.88
C SER A 26 4.07 -0.28 5.62
N ASN A 27 5.22 -0.86 5.98
CA ASN A 27 6.25 -0.12 6.69
C ASN A 27 6.89 0.94 5.80
N LEU A 28 7.32 0.52 4.61
CA LEU A 28 7.94 1.44 3.65
C LEU A 28 7.05 2.65 3.42
N LEU A 29 5.78 2.41 3.12
CA LEU A 29 4.83 3.49 2.87
C LEU A 29 4.56 4.28 4.14
N SER A 30 4.51 3.59 5.27
CA SER A 30 4.26 4.22 6.56
C SER A 30 5.39 5.18 6.92
N SER A 31 6.62 4.80 6.56
CA SER A 31 7.79 5.63 6.85
C SER A 31 7.81 6.87 5.96
N SER A 32 7.22 6.76 4.78
CA SER A 32 7.17 7.87 3.84
C SER A 32 6.58 9.12 4.49
N GLY A 33 5.40 8.96 5.09
CA GLY A 33 4.75 10.07 5.74
C GLY A 33 3.25 9.89 5.85
N MET A 34 2.57 9.91 4.70
CA MET A 34 1.13 9.74 4.67
C MET A 34 0.73 8.32 5.06
N ALA A 35 -0.52 8.15 5.49
CA ALA A 35 -1.02 6.84 5.90
C ALA A 35 -2.43 6.62 5.39
N PHE A 36 -2.57 5.79 4.36
CA PHE A 36 -3.87 5.49 3.77
C PHE A 36 -4.10 3.98 3.71
N SER A 37 -5.28 3.59 3.24
CA SER A 37 -5.63 2.17 3.13
C SER A 37 -4.91 1.53 1.96
N LEU A 38 -4.24 0.41 2.23
CA LEU A 38 -3.50 -0.31 1.20
C LEU A 38 -4.15 -1.65 0.90
N HIS A 39 -4.95 -1.70 -0.17
CA HIS A 39 -5.63 -2.94 -0.57
C HIS A 39 -5.40 -3.24 -2.04
N THR A 40 -5.35 -4.52 -2.38
CA THR A 40 -5.13 -4.94 -3.76
C THR A 40 -6.45 -5.32 -4.43
N GLN A 41 -6.72 -4.69 -5.57
CA GLN A 41 -7.95 -4.97 -6.31
C GLN A 41 -9.17 -4.85 -5.41
N GLY A 42 -9.08 -3.98 -4.40
CA GLY A 42 -10.18 -3.77 -3.48
C GLY A 42 -10.23 -4.84 -2.41
N ARG A 43 -9.08 -5.41 -2.09
CA ARG A 43 -8.99 -6.45 -1.07
C ARG A 43 -7.92 -6.13 -0.04
N VAL A 44 -8.33 -5.90 1.20
CA VAL A 44 -7.39 -5.58 2.27
C VAL A 44 -6.28 -6.61 2.36
N LEU A 45 -5.05 -6.15 2.55
CA LEU A 45 -3.90 -7.03 2.66
C LEU A 45 -3.67 -7.47 4.10
N SER A 46 -3.49 -8.78 4.30
CA SER A 46 -3.27 -9.32 5.64
C SER A 46 -1.83 -9.07 6.09
N GLU A 47 -1.65 -8.95 7.40
CA GLU A 47 -0.32 -8.71 7.96
C GLU A 47 0.67 -9.78 7.52
N ALA A 48 0.15 -10.97 7.23
CA ALA A 48 0.98 -12.08 6.78
C ALA A 48 0.81 -12.34 5.29
N ALA A 49 0.03 -11.48 4.64
CA ALA A 49 -0.22 -11.61 3.20
C ALA A 49 1.09 -11.72 2.42
N GLU A 50 1.23 -12.81 1.67
CA GLU A 50 2.44 -13.03 0.88
C GLU A 50 2.25 -12.53 -0.56
N LEU A 51 3.07 -11.57 -0.96
CA LEU A 51 3.00 -11.00 -2.30
C LEU A 51 4.09 -11.59 -3.19
N ASN A 52 4.00 -11.29 -4.48
CA ASN A 52 4.97 -11.79 -5.45
C ASN A 52 5.72 -10.62 -6.10
N ASP A 53 6.44 -10.93 -7.19
CA ASP A 53 7.20 -9.93 -7.90
C ASP A 53 6.33 -9.22 -8.94
N LYS A 54 6.54 -7.91 -9.09
CA LYS A 54 5.77 -7.12 -10.05
C LYS A 54 4.29 -7.08 -9.66
N MET A 55 4.03 -6.89 -8.37
CA MET A 55 2.67 -6.83 -7.87
C MET A 55 2.07 -5.45 -8.10
N VAL A 56 0.77 -5.31 -7.80
CA VAL A 56 0.08 -4.04 -7.99
C VAL A 56 -0.91 -3.79 -6.84
N ILE A 57 -0.47 -3.01 -5.86
CA ILE A 57 -1.31 -2.69 -4.71
C ILE A 57 -2.06 -1.38 -4.92
N ASP A 58 -3.33 -1.36 -4.54
CA ASP A 58 -4.16 -0.16 -4.69
C ASP A 58 -4.21 0.63 -3.38
N ALA A 59 -3.61 1.81 -3.39
CA ALA A 59 -3.58 2.67 -2.22
C ALA A 59 -4.69 3.71 -2.27
N PHE A 60 -5.69 3.56 -1.40
CA PHE A 60 -6.81 4.48 -1.35
C PHE A 60 -6.72 5.39 -0.12
N VAL A 61 -6.70 6.70 -0.35
CA VAL A 61 -6.62 7.67 0.73
C VAL A 61 -7.99 8.19 1.12
N PRO A 62 -8.15 8.59 2.39
CA PRO A 62 -9.41 9.12 2.90
C PRO A 62 -9.75 10.49 2.32
N ALA A 63 -11.02 10.69 1.99
CA ALA A 63 -11.48 11.95 1.42
C ALA A 63 -11.68 13.00 2.51
N ASP A 64 -11.77 14.26 2.11
CA ASP A 64 -11.98 15.35 3.05
C ASP A 64 -13.31 15.22 3.77
N GLY A 65 -13.26 15.17 5.10
CA GLY A 65 -14.48 15.04 5.89
C GLY A 65 -15.13 16.37 6.18
N ALA A 66 -16.43 16.35 6.43
CA ALA A 66 -17.16 17.57 6.73
C ALA A 66 -18.21 17.33 7.83
N GLY A 67 -17.94 17.86 9.02
CA GLY A 67 -18.86 17.69 10.12
C GLY A 67 -18.17 17.22 11.39
N LEU A 68 -17.10 17.93 11.77
CA LEU A 68 -16.35 17.60 12.97
C LEU A 68 -17.20 17.77 14.22
N GLU A 69 -17.51 19.02 14.56
CA GLU A 69 -18.32 19.32 15.73
C GLU A 69 -19.56 20.11 15.34
N MET A 1 10.82 -9.12 -4.79
CA MET A 1 9.38 -8.93 -4.94
C MET A 1 9.05 -7.47 -5.29
N LEU A 2 8.38 -7.29 -6.43
CA LEU A 2 8.02 -5.95 -6.88
C LEU A 2 6.55 -5.66 -6.58
N VAL A 3 6.25 -4.42 -6.22
CA VAL A 3 4.88 -4.02 -5.91
C VAL A 3 4.58 -2.62 -6.47
N ILE A 4 3.74 -2.58 -7.50
CA ILE A 4 3.38 -1.31 -8.12
C ILE A 4 2.36 -0.56 -7.27
N VAL A 5 2.85 0.35 -6.42
CA VAL A 5 1.98 1.14 -5.56
C VAL A 5 1.38 2.32 -6.30
N ARG A 6 0.06 2.33 -6.44
CA ARG A 6 -0.63 3.41 -7.14
C ARG A 6 -1.22 4.40 -6.15
N LEU A 7 -0.77 5.66 -6.25
CA LEU A 7 -1.25 6.70 -5.36
C LEU A 7 -2.60 7.25 -5.84
N GLN A 8 -3.27 8.00 -4.96
CA GLN A 8 -4.56 8.58 -5.30
C GLN A 8 -4.68 8.82 -6.80
N ASP A 9 -3.80 9.66 -7.33
CA ASP A 9 -3.81 9.98 -8.75
C ASP A 9 -2.40 9.94 -9.33
N GLN A 10 -1.63 8.93 -8.92
CA GLN A 10 -0.25 8.78 -9.40
C GLN A 10 0.18 7.32 -9.35
N THR A 11 1.33 7.03 -9.93
CA THR A 11 1.86 5.67 -9.95
C THR A 11 3.34 5.65 -9.57
N LEU A 12 3.72 4.70 -8.72
CA LEU A 12 5.10 4.57 -8.28
C LEU A 12 5.39 3.15 -7.81
N PRO A 13 6.35 2.49 -8.49
CA PRO A 13 6.74 1.11 -8.16
C PRO A 13 7.49 1.03 -6.83
N PHE A 14 7.40 -0.13 -6.18
CA PHE A 14 8.06 -0.34 -4.90
C PHE A 14 8.86 -1.64 -4.91
N GLU A 15 10.18 -1.51 -4.79
CA GLU A 15 11.06 -2.67 -4.78
C GLU A 15 11.15 -3.28 -3.39
N LEU A 16 10.61 -4.49 -3.25
CA LEU A 16 10.62 -5.18 -1.96
C LEU A 16 11.53 -6.41 -2.02
N PRO A 17 11.94 -6.89 -0.83
CA PRO A 17 12.82 -8.07 -0.72
C PRO A 17 12.12 -9.36 -1.13
N ALA A 18 12.89 -10.43 -1.26
CA ALA A 18 12.34 -11.72 -1.64
C ALA A 18 11.53 -12.33 -0.50
N GLY A 19 10.24 -12.53 -0.74
CA GLY A 19 9.36 -13.09 0.28
C GLY A 19 8.73 -12.04 1.16
N ALA A 20 8.84 -10.78 0.74
CA ALA A 20 8.28 -9.67 1.51
C ALA A 20 6.80 -9.93 1.82
N ARG A 21 6.21 -9.02 2.60
CA ARG A 21 4.80 -9.15 2.98
C ARG A 21 4.14 -7.78 3.08
N ALA A 22 2.83 -7.76 3.26
CA ALA A 22 2.08 -6.52 3.38
C ALA A 22 2.71 -5.61 4.44
N SER A 23 3.08 -6.20 5.57
CA SER A 23 3.68 -5.43 6.65
C SER A 23 4.90 -4.65 6.16
N GLN A 24 5.82 -5.35 5.52
CA GLN A 24 7.04 -4.73 5.00
C GLN A 24 6.69 -3.52 4.13
N LEU A 25 5.82 -3.74 3.15
CA LEU A 25 5.41 -2.66 2.24
C LEU A 25 4.72 -1.54 3.01
N SER A 26 3.90 -1.92 3.98
CA SER A 26 3.18 -0.94 4.79
C SER A 26 4.12 0.08 5.39
N ASN A 27 5.16 -0.41 6.06
CA ASN A 27 6.15 0.46 6.69
C ASN A 27 6.94 1.23 5.65
N LEU A 28 7.18 0.59 4.51
CA LEU A 28 7.93 1.22 3.42
C LEU A 28 7.25 2.51 2.97
N LEU A 29 5.95 2.43 2.74
CA LEU A 29 5.17 3.60 2.30
C LEU A 29 5.02 4.60 3.44
N SER A 30 4.69 4.09 4.63
CA SER A 30 4.50 4.94 5.80
C SER A 30 5.71 5.85 6.01
N SER A 31 6.90 5.28 5.87
CA SER A 31 8.13 6.04 6.04
C SER A 31 8.36 7.00 4.89
N SER A 32 7.74 6.70 3.74
CA SER A 32 7.88 7.53 2.57
C SER A 32 6.70 8.50 2.45
N GLY A 33 6.91 9.74 2.87
CA GLY A 33 5.86 10.74 2.80
C GLY A 33 4.82 10.55 3.90
N MET A 34 3.75 9.85 3.57
CA MET A 34 2.68 9.60 4.54
C MET A 34 2.43 8.10 4.71
N ALA A 35 1.43 7.76 5.51
CA ALA A 35 1.09 6.37 5.75
C ALA A 35 -0.40 6.12 5.52
N PHE A 36 -0.73 5.44 4.43
CA PHE A 36 -2.11 5.13 4.10
C PHE A 36 -2.32 3.62 3.97
N SER A 37 -3.57 3.23 3.74
CA SER A 37 -3.90 1.81 3.59
C SER A 37 -3.51 1.29 2.21
N LEU A 38 -3.11 0.03 2.16
CA LEU A 38 -2.71 -0.59 0.90
C LEU A 38 -3.53 -1.85 0.62
N HIS A 39 -4.32 -1.80 -0.45
CA HIS A 39 -5.15 -2.94 -0.83
C HIS A 39 -4.96 -3.29 -2.30
N THR A 40 -4.93 -4.59 -2.59
CA THR A 40 -4.75 -5.05 -3.96
C THR A 40 -5.86 -6.02 -4.37
N GLN A 41 -6.06 -6.17 -5.67
CA GLN A 41 -7.09 -7.06 -6.18
C GLN A 41 -8.46 -6.71 -5.61
N GLY A 42 -8.61 -5.45 -5.22
CA GLY A 42 -9.88 -5.00 -4.65
C GLY A 42 -10.10 -5.50 -3.23
N ARG A 43 -9.03 -5.99 -2.62
CA ARG A 43 -9.10 -6.51 -1.26
C ARG A 43 -7.93 -6.00 -0.41
N VAL A 44 -8.19 -5.74 0.86
CA VAL A 44 -7.15 -5.27 1.76
C VAL A 44 -6.05 -6.30 1.95
N LEU A 45 -4.88 -5.84 2.37
CA LEU A 45 -3.74 -6.73 2.58
C LEU A 45 -3.54 -7.01 4.07
N SER A 46 -3.53 -8.29 4.43
CA SER A 46 -3.35 -8.69 5.82
C SER A 46 -1.89 -8.56 6.24
N GLU A 47 -1.66 -8.38 7.53
CA GLU A 47 -0.31 -8.23 8.06
C GLU A 47 0.54 -9.44 7.70
N ALA A 48 -0.10 -10.58 7.50
CA ALA A 48 0.58 -11.81 7.15
C ALA A 48 0.35 -12.18 5.69
N ALA A 49 -0.30 -11.29 4.96
CA ALA A 49 -0.59 -11.50 3.55
C ALA A 49 0.70 -11.65 2.74
N GLU A 50 0.86 -12.80 2.09
CA GLU A 50 2.05 -13.06 1.29
C GLU A 50 1.88 -12.54 -0.13
N LEU A 51 2.23 -11.28 -0.35
CA LEU A 51 2.11 -10.66 -1.66
C LEU A 51 2.91 -11.42 -2.70
N ASN A 52 2.98 -10.87 -3.91
CA ASN A 52 3.73 -11.51 -4.99
C ASN A 52 4.63 -10.51 -5.69
N ASP A 53 5.49 -11.00 -6.58
CA ASP A 53 6.40 -10.14 -7.32
C ASP A 53 5.73 -9.56 -8.56
N LYS A 54 6.18 -8.38 -8.96
CA LYS A 54 5.63 -7.71 -10.14
C LYS A 54 4.10 -7.60 -10.03
N MET A 55 3.63 -7.17 -8.87
CA MET A 55 2.19 -7.02 -8.63
C MET A 55 1.81 -5.54 -8.60
N VAL A 56 0.60 -5.27 -8.13
CA VAL A 56 0.10 -3.90 -8.04
C VAL A 56 -0.66 -3.68 -6.74
N ILE A 57 -0.28 -2.63 -6.01
CA ILE A 57 -0.93 -2.30 -4.74
C ILE A 57 -1.64 -0.96 -4.82
N ASP A 58 -2.92 -0.94 -4.45
CA ASP A 58 -3.71 0.29 -4.48
C ASP A 58 -3.57 1.04 -3.17
N ALA A 59 -2.92 2.20 -3.23
CA ALA A 59 -2.71 3.03 -2.04
C ALA A 59 -3.90 3.95 -1.80
N PHE A 60 -4.66 3.68 -0.75
CA PHE A 60 -5.83 4.49 -0.41
C PHE A 60 -5.60 5.26 0.88
N VAL A 61 -5.71 6.58 0.80
CA VAL A 61 -5.51 7.44 1.96
C VAL A 61 -6.85 7.83 2.58
N PRO A 62 -6.84 8.09 3.90
CA PRO A 62 -8.04 8.48 4.64
C PRO A 62 -8.53 9.88 4.27
N ALA A 63 -9.84 10.02 4.13
CA ALA A 63 -10.44 11.31 3.77
C ALA A 63 -11.71 11.55 4.56
N ASP A 64 -12.42 12.63 4.22
CA ASP A 64 -13.67 12.97 4.89
C ASP A 64 -13.49 12.97 6.40
N GLY A 65 -14.60 13.00 7.13
CA GLY A 65 -14.55 13.01 8.57
C GLY A 65 -14.57 14.41 9.16
N ALA A 66 -15.77 14.94 9.37
CA ALA A 66 -15.91 16.28 9.93
C ALA A 66 -17.15 16.38 10.81
N GLY A 67 -17.54 17.60 11.15
CA GLY A 67 -18.70 17.80 11.99
C GLY A 67 -18.71 19.17 12.65
N LEU A 68 -19.63 20.03 12.21
CA LEU A 68 -19.74 21.37 12.77
C LEU A 68 -20.15 21.32 14.24
N GLU A 69 -21.40 20.93 14.48
CA GLU A 69 -21.91 20.85 15.84
C GLU A 69 -22.10 19.39 16.26
N MET A 1 11.94 -8.56 -5.01
CA MET A 1 10.56 -8.43 -5.44
C MET A 1 10.08 -6.98 -5.36
N LEU A 2 9.49 -6.49 -6.44
CA LEU A 2 8.99 -5.12 -6.48
C LEU A 2 7.49 -5.08 -6.21
N VAL A 3 6.99 -3.90 -5.88
CA VAL A 3 5.57 -3.72 -5.60
C VAL A 3 5.04 -2.43 -6.23
N ILE A 4 3.95 -2.57 -6.98
CA ILE A 4 3.34 -1.41 -7.64
C ILE A 4 2.26 -0.79 -6.77
N VAL A 5 2.61 0.33 -6.12
CA VAL A 5 1.67 1.03 -5.25
C VAL A 5 0.92 2.12 -6.03
N ARG A 6 -0.40 1.99 -6.07
CA ARG A 6 -1.23 2.96 -6.78
C ARG A 6 -1.88 3.93 -5.80
N LEU A 7 -1.41 5.17 -5.80
CA LEU A 7 -1.93 6.20 -4.92
C LEU A 7 -3.23 6.78 -5.47
N GLN A 8 -3.95 7.51 -4.63
CA GLN A 8 -5.20 8.13 -5.04
C GLN A 8 -5.22 8.39 -6.54
N ASP A 9 -4.22 9.13 -7.01
CA ASP A 9 -4.11 9.45 -8.44
C ASP A 9 -2.65 9.52 -8.87
N GLN A 10 -1.83 8.63 -8.32
CA GLN A 10 -0.41 8.60 -8.65
C GLN A 10 0.17 7.20 -8.44
N THR A 11 0.65 6.60 -9.52
CA THR A 11 1.23 5.27 -9.45
C THR A 11 2.75 5.32 -9.41
N LEU A 12 3.34 4.52 -8.53
CA LEU A 12 4.79 4.48 -8.39
C LEU A 12 5.25 3.14 -7.81
N PRO A 13 6.15 2.46 -8.52
CA PRO A 13 6.69 1.16 -8.10
C PRO A 13 7.60 1.29 -6.88
N PHE A 14 7.86 0.16 -6.22
CA PHE A 14 8.72 0.15 -5.04
C PHE A 14 9.55 -1.12 -4.99
N GLU A 15 10.78 -1.01 -4.49
CA GLU A 15 11.68 -2.15 -4.38
C GLU A 15 11.54 -2.82 -3.03
N LEU A 16 11.10 -4.09 -3.04
CA LEU A 16 10.93 -4.84 -1.81
C LEU A 16 11.83 -6.07 -1.80
N PRO A 17 12.05 -6.64 -0.61
CA PRO A 17 12.88 -7.82 -0.43
C PRO A 17 12.24 -9.08 -1.01
N ALA A 18 12.98 -10.18 -1.00
CA ALA A 18 12.48 -11.45 -1.52
C ALA A 18 11.35 -11.99 -0.66
N GLY A 19 10.28 -12.44 -1.30
CA GLY A 19 9.14 -12.97 -0.58
C GLY A 19 8.44 -11.92 0.26
N ALA A 20 8.72 -10.65 -0.02
CA ALA A 20 8.12 -9.55 0.71
C ALA A 20 6.60 -9.72 0.81
N ARG A 21 6.01 -9.12 1.83
CA ARG A 21 4.56 -9.21 2.03
C ARG A 21 3.99 -7.86 2.46
N ALA A 22 2.69 -7.82 2.68
CA ALA A 22 2.01 -6.59 3.10
C ALA A 22 2.68 -6.00 4.34
N SER A 23 3.37 -6.84 5.10
CA SER A 23 4.04 -6.40 6.31
C SER A 23 5.17 -5.43 5.98
N GLN A 24 6.16 -5.92 5.25
CA GLN A 24 7.31 -5.10 4.86
C GLN A 24 6.85 -3.85 4.13
N LEU A 25 5.89 -4.01 3.22
CA LEU A 25 5.37 -2.89 2.44
C LEU A 25 4.65 -1.90 3.35
N SER A 26 3.84 -2.42 4.26
CA SER A 26 3.10 -1.57 5.19
C SER A 26 4.03 -0.61 5.93
N ASN A 27 5.10 -1.15 6.49
CA ASN A 27 6.07 -0.35 7.23
C ASN A 27 6.82 0.59 6.28
N LEU A 28 7.06 0.13 5.06
CA LEU A 28 7.76 0.92 4.06
C LEU A 28 7.04 2.24 3.80
N LEU A 29 5.78 2.14 3.37
CA LEU A 29 4.98 3.32 3.09
C LEU A 29 4.66 4.09 4.37
N SER A 30 4.37 3.37 5.44
CA SER A 30 4.05 3.97 6.72
C SER A 30 5.21 4.83 7.22
N SER A 31 6.43 4.38 6.93
CA SER A 31 7.63 5.11 7.34
C SER A 31 7.61 6.54 6.81
N SER A 32 7.06 6.70 5.61
CA SER A 32 6.99 8.02 4.98
C SER A 32 6.16 8.99 5.82
N GLY A 33 6.23 10.26 5.49
CA GLY A 33 5.48 11.27 6.23
C GLY A 33 4.00 11.02 6.21
N MET A 34 3.49 10.57 5.06
CA MET A 34 2.07 10.29 4.91
C MET A 34 1.77 8.82 5.20
N ALA A 35 0.51 8.53 5.50
CA ALA A 35 0.09 7.17 5.81
C ALA A 35 -1.36 6.95 5.42
N PHE A 36 -1.59 6.13 4.40
CA PHE A 36 -2.94 5.83 3.93
C PHE A 36 -3.21 4.33 3.98
N SER A 37 -4.43 3.95 3.62
CA SER A 37 -4.83 2.54 3.63
C SER A 37 -4.24 1.82 2.42
N LEU A 38 -3.67 0.64 2.67
CA LEU A 38 -3.08 -0.16 1.60
C LEU A 38 -3.87 -1.44 1.38
N HIS A 39 -4.73 -1.43 0.36
CA HIS A 39 -5.55 -2.59 0.04
C HIS A 39 -5.49 -2.89 -1.46
N THR A 40 -5.89 -4.11 -1.83
CA THR A 40 -5.89 -4.52 -3.23
C THR A 40 -7.28 -4.92 -3.69
N GLN A 41 -7.71 -4.39 -4.83
CA GLN A 41 -9.02 -4.71 -5.37
C GLN A 41 -10.12 -4.48 -4.33
N GLY A 42 -9.88 -3.51 -3.44
CA GLY A 42 -10.85 -3.21 -2.41
C GLY A 42 -10.86 -4.25 -1.31
N ARG A 43 -9.71 -4.87 -1.07
CA ARG A 43 -9.59 -5.89 -0.03
C ARG A 43 -8.37 -5.63 0.85
N VAL A 44 -8.61 -5.51 2.15
CA VAL A 44 -7.53 -5.26 3.10
C VAL A 44 -6.43 -6.30 2.97
N LEU A 45 -5.18 -5.87 3.11
CA LEU A 45 -4.04 -6.77 3.01
C LEU A 45 -3.63 -7.27 4.39
N SER A 46 -3.38 -8.58 4.47
CA SER A 46 -2.97 -9.19 5.74
C SER A 46 -1.50 -8.97 6.01
N GLU A 47 -1.13 -8.91 7.28
CA GLU A 47 0.25 -8.70 7.67
C GLU A 47 1.17 -9.75 7.05
N ALA A 48 0.59 -10.90 6.72
CA ALA A 48 1.35 -11.99 6.12
C ALA A 48 0.99 -12.16 4.65
N ALA A 49 0.16 -11.25 4.14
CA ALA A 49 -0.26 -11.30 2.74
C ALA A 49 0.94 -11.23 1.80
N GLU A 50 1.13 -12.28 1.01
CA GLU A 50 2.24 -12.32 0.07
C GLU A 50 1.74 -12.63 -1.34
N LEU A 51 2.02 -11.73 -2.27
CA LEU A 51 1.60 -11.89 -3.66
C LEU A 51 2.69 -12.56 -4.48
N ASN A 52 3.54 -11.76 -5.11
CA ASN A 52 4.62 -12.27 -5.93
C ASN A 52 5.41 -11.13 -6.58
N ASP A 53 6.26 -11.49 -7.53
CA ASP A 53 7.06 -10.49 -8.24
C ASP A 53 6.18 -9.43 -8.88
N LYS A 54 6.62 -8.18 -8.80
CA LYS A 54 5.87 -7.07 -9.38
C LYS A 54 4.48 -6.97 -8.76
N MET A 55 4.43 -7.03 -7.43
CA MET A 55 3.17 -6.93 -6.70
C MET A 55 2.35 -5.75 -7.19
N VAL A 56 1.07 -5.74 -6.83
CA VAL A 56 0.16 -4.66 -7.24
C VAL A 56 -0.80 -4.31 -6.11
N ILE A 57 -0.46 -3.29 -5.33
CA ILE A 57 -1.30 -2.85 -4.24
C ILE A 57 -1.94 -1.49 -4.53
N ASP A 58 -3.12 -1.26 -3.97
CA ASP A 58 -3.83 0.00 -4.17
C ASP A 58 -3.85 0.82 -2.89
N ALA A 59 -3.13 1.94 -2.90
CA ALA A 59 -3.07 2.82 -1.74
C ALA A 59 -4.17 3.87 -1.79
N PHE A 60 -5.13 3.76 -0.88
CA PHE A 60 -6.24 4.71 -0.83
C PHE A 60 -6.06 5.69 0.32
N VAL A 61 -6.04 6.98 0.01
CA VAL A 61 -5.87 8.02 1.02
C VAL A 61 -7.22 8.60 1.43
N PRO A 62 -7.30 9.10 2.67
CA PRO A 62 -8.52 9.70 3.21
C PRO A 62 -8.86 11.03 2.55
N ALA A 63 -10.14 11.24 2.26
CA ALA A 63 -10.59 12.48 1.64
C ALA A 63 -11.46 13.29 2.58
N ASP A 64 -11.47 14.60 2.41
CA ASP A 64 -12.27 15.49 3.23
C ASP A 64 -13.72 15.02 3.29
N GLY A 65 -14.23 14.83 4.51
CA GLY A 65 -15.60 14.39 4.67
C GLY A 65 -15.82 13.69 6.00
N ALA A 66 -17.05 13.79 6.51
CA ALA A 66 -17.39 13.16 7.79
C ALA A 66 -16.39 13.53 8.87
N GLY A 67 -16.67 14.62 9.58
CA GLY A 67 -15.78 15.07 10.63
C GLY A 67 -15.71 16.58 10.75
N LEU A 68 -16.88 17.21 10.82
CA LEU A 68 -16.96 18.66 10.93
C LEU A 68 -16.34 19.15 12.24
N GLU A 69 -17.02 18.85 13.34
CA GLU A 69 -16.55 19.26 14.66
C GLU A 69 -15.72 18.14 15.30
#